data_4GSA
#
_entry.id   4GSA
#
_cell.length_a   68.640
_cell.length_b   108.280
_cell.length_c   122.440
_cell.angle_alpha   90.00
_cell.angle_beta   90.00
_cell.angle_gamma   90.00
#
_symmetry.space_group_name_H-M   'P 21 21 21'
#
loop_
_entity.id
_entity.type
_entity.pdbx_description
1 polymer 'GLUTAMATE SEMIALDEHYDE AMINOTRANSFERASE'
2 non-polymer "PYRIDOXAL-5'-PHOSPHATE"
3 water water
#
_entity_poly.entity_id   1
_entity_poly.type   'polypeptide(L)'
_entity_poly.pdbx_seq_one_letter_code
;VTSSPFKTIKSDEIFAAAQKLMPGGVSSPVRAFKSVGGQPIVFDRVKDAYAWDVDGNRYIDYVGTWGPAICGHAHPEVIE
ALKVAMEKGTSFGAPCALENVLAEMVNDAVPSIEMVRFVNSGTEACMAVLRLMRAYTGRDKIIKFEGCYHGHADMFLVKA
GSGVATLGLPSSPGVPKKTTANTLTTPYNDLEAVKALFAENPGEIAGVILEPIVGNSGFIVPDAGFLEGLREITLEHDAL
LVFDEVMTGFRIAYGGVQEKFGVTPDLTTLGKIIGGGLPVGAYGGKREIMQLVAPAGPMYQAGTLSGNPLAMTAGIKTLE
LLRQPGTYEYLDQITKRLSDGLLAIAQETGHAACGGQVSGMFGFFFTEGPVHNYEDAKKSDLQKFSRFHRGMLEQGIYLA
PSQFEAGFTSLAHTEEDIDATLAAARTVMSAL
;
_entity_poly.pdbx_strand_id   A,B
#
loop_
_chem_comp.id
_chem_comp.type
_chem_comp.name
_chem_comp.formula
PLP non-polymer PYRIDOXAL-5'-PHOSPHATE 'C8 H10 N O6 P'
#
# COMPACT_ATOMS: atom_id res chain seq x y z
N PHE A 6 -31.42 -12.07 18.54
CA PHE A 6 -30.03 -11.93 18.01
C PHE A 6 -29.50 -10.60 18.51
N LYS A 7 -28.43 -10.62 19.32
CA LYS A 7 -27.92 -9.34 19.86
C LYS A 7 -26.63 -8.81 19.19
N THR A 8 -26.58 -7.51 18.99
CA THR A 8 -25.44 -6.85 18.37
C THR A 8 -25.21 -5.51 19.07
N ILE A 9 -25.40 -5.49 20.39
CA ILE A 9 -25.24 -4.30 21.22
C ILE A 9 -23.82 -3.76 21.26
N LYS A 10 -22.83 -4.64 21.43
CA LYS A 10 -21.45 -4.19 21.47
C LYS A 10 -21.02 -3.68 20.10
N SER A 11 -21.35 -4.41 19.03
CA SER A 11 -21.02 -3.95 17.69
C SER A 11 -21.60 -2.56 17.49
N ASP A 12 -22.84 -2.38 17.88
CA ASP A 12 -23.52 -1.08 17.74
C ASP A 12 -22.86 0.05 18.52
N GLU A 13 -22.28 -0.27 19.67
CA GLU A 13 -21.62 0.75 20.48
C GLU A 13 -20.33 1.19 19.80
N ILE A 14 -19.52 0.21 19.43
CA ILE A 14 -18.24 0.45 18.79
C ILE A 14 -18.37 1.17 17.44
N PHE A 15 -19.38 0.80 16.65
CA PHE A 15 -19.58 1.45 15.35
C PHE A 15 -20.01 2.90 15.49
N ALA A 16 -20.96 3.17 16.39
CA ALA A 16 -21.45 4.52 16.62
C ALA A 16 -20.30 5.45 16.99
N ALA A 17 -19.30 4.90 17.68
CA ALA A 17 -18.15 5.68 18.09
C ALA A 17 -17.20 5.87 16.91
N ALA A 18 -17.05 4.81 16.13
CA ALA A 18 -16.17 4.82 14.96
C ALA A 18 -16.57 5.88 13.96
N GLN A 19 -17.85 6.20 13.90
CA GLN A 19 -18.30 7.18 12.93
C GLN A 19 -17.91 8.60 13.26
N LYS A 20 -17.47 8.83 14.50
CA LYS A 20 -17.07 10.17 14.88
C LYS A 20 -15.58 10.34 14.69
N LEU A 21 -14.90 9.20 14.47
CA LEU A 21 -13.45 9.13 14.31
C LEU A 21 -12.95 8.89 12.87
N MET A 22 -13.70 8.12 12.09
CA MET A 22 -13.29 7.79 10.74
C MET A 22 -14.50 7.99 9.84
N PRO A 23 -14.27 8.29 8.55
CA PRO A 23 -15.34 8.52 7.57
C PRO A 23 -16.24 7.28 7.44
N GLY A 24 -17.49 7.40 7.88
CA GLY A 24 -18.40 6.27 7.80
C GLY A 24 -18.05 5.19 8.80
N GLY A 25 -17.21 5.52 9.78
CA GLY A 25 -16.81 4.55 10.80
C GLY A 25 -16.09 3.31 10.30
N VAL A 26 -15.58 3.31 9.06
CA VAL A 26 -14.87 2.14 8.52
C VAL A 26 -13.55 2.51 7.85
N SER A 27 -12.65 1.54 7.67
CA SER A 27 -11.36 1.76 6.99
C SER A 27 -11.42 1.48 5.49
N SER A 28 -12.52 0.89 5.03
CA SER A 28 -12.73 0.55 3.61
C SER A 28 -14.25 0.61 3.42
N PRO A 29 -14.72 1.29 2.35
CA PRO A 29 -16.14 1.45 2.01
C PRO A 29 -16.99 0.17 1.91
N VAL A 30 -16.35 -0.95 1.56
CA VAL A 30 -17.05 -2.21 1.41
C VAL A 30 -17.51 -2.79 2.76
N ARG A 31 -16.88 -2.34 3.85
CA ARG A 31 -17.22 -2.82 5.18
C ARG A 31 -18.51 -2.19 5.71
N ALA A 32 -19.05 -1.24 4.95
CA ALA A 32 -20.26 -0.56 5.36
C ALA A 32 -21.49 -1.37 4.94
N PHE A 33 -22.45 -1.50 5.86
CA PHE A 33 -23.68 -2.22 5.59
C PHE A 33 -24.74 -1.26 5.01
N LYS A 34 -24.30 -0.22 4.31
CA LYS A 34 -25.20 0.79 3.76
C LYS A 34 -26.25 0.28 2.79
N SER A 35 -25.91 -0.76 2.03
CA SER A 35 -26.83 -1.32 1.03
C SER A 35 -27.53 -2.58 1.51
N VAL A 36 -26.91 -3.25 2.47
CA VAL A 36 -27.48 -4.48 2.95
C VAL A 36 -28.36 -4.25 4.18
N GLY A 37 -28.55 -2.97 4.54
CA GLY A 37 -29.40 -2.64 5.66
C GLY A 37 -28.87 -2.93 7.06
N GLY A 38 -28.86 -1.88 7.87
CA GLY A 38 -28.40 -2.03 9.23
C GLY A 38 -26.97 -1.57 9.38
N GLN A 39 -26.38 -1.97 10.50
CA GLN A 39 -25.02 -1.60 10.79
C GLN A 39 -24.15 -2.82 10.75
N PRO A 40 -22.82 -2.63 10.63
CA PRO A 40 -21.82 -3.70 10.57
C PRO A 40 -21.63 -4.44 11.88
N ILE A 41 -21.07 -5.63 11.75
CA ILE A 41 -20.76 -6.48 12.88
C ILE A 41 -19.26 -6.30 13.17
N VAL A 42 -18.94 -5.90 14.39
CA VAL A 42 -17.55 -5.70 14.80
C VAL A 42 -16.93 -7.07 15.21
N PHE A 43 -15.92 -7.52 14.48
CA PHE A 43 -15.31 -8.80 14.77
C PHE A 43 -14.46 -8.78 16.02
N ASP A 44 -14.19 -9.96 16.56
CA ASP A 44 -13.35 -10.07 17.73
C ASP A 44 -12.12 -10.92 17.43
N ARG A 45 -12.36 -12.05 16.77
CA ARG A 45 -11.27 -12.95 16.41
C ARG A 45 -11.80 -13.85 15.31
N VAL A 46 -10.89 -14.50 14.60
CA VAL A 46 -11.25 -15.42 13.51
C VAL A 46 -10.35 -16.64 13.57
N LYS A 47 -10.86 -17.80 13.18
CA LYS A 47 -10.05 -19.01 13.21
C LYS A 47 -10.66 -20.01 12.25
N ASP A 48 -9.82 -20.58 11.40
CA ASP A 48 -10.29 -21.56 10.42
C ASP A 48 -11.45 -21.02 9.59
N ALA A 49 -12.58 -21.71 9.55
CA ALA A 49 -13.70 -21.24 8.75
C ALA A 49 -14.66 -20.35 9.51
N TYR A 50 -14.28 -19.91 10.71
CA TYR A 50 -15.19 -19.13 11.53
C TYR A 50 -14.70 -17.77 11.91
N ALA A 51 -15.65 -16.96 12.39
CA ALA A 51 -15.40 -15.61 12.85
C ALA A 51 -16.33 -15.42 14.05
N TRP A 52 -15.88 -14.65 15.03
CA TRP A 52 -16.67 -14.37 16.24
C TRP A 52 -16.78 -12.87 16.41
N ASP A 53 -18.00 -12.37 16.59
CA ASP A 53 -18.14 -10.94 16.78
C ASP A 53 -17.91 -10.54 18.24
N VAL A 54 -17.99 -9.23 18.47
CA VAL A 54 -17.75 -8.68 19.78
C VAL A 54 -18.86 -8.96 20.83
N ASP A 55 -19.97 -9.57 20.39
CA ASP A 55 -21.11 -9.93 21.23
C ASP A 55 -21.20 -11.45 21.46
N GLY A 56 -20.22 -12.21 20.97
CA GLY A 56 -20.22 -13.65 21.16
C GLY A 56 -20.77 -14.52 20.02
N ASN A 57 -21.51 -13.93 19.11
CA ASN A 57 -22.05 -14.70 18.01
C ASN A 57 -20.93 -15.30 17.16
N ARG A 58 -21.07 -16.57 16.80
CA ARG A 58 -20.08 -17.26 15.98
C ARG A 58 -20.65 -17.32 14.58
N TYR A 59 -19.79 -17.37 13.56
CA TYR A 59 -20.28 -17.41 12.17
C TYR A 59 -19.41 -18.27 11.29
N ILE A 60 -20.00 -18.84 10.25
CA ILE A 60 -19.24 -19.61 9.27
C ILE A 60 -18.95 -18.50 8.22
N ASP A 61 -17.67 -18.24 8.02
CA ASP A 61 -17.18 -17.19 7.15
C ASP A 61 -17.03 -17.55 5.66
N TYR A 62 -17.65 -16.71 4.84
CA TYR A 62 -17.59 -16.84 3.37
C TYR A 62 -17.02 -15.59 2.69
N VAL A 63 -16.45 -14.68 3.49
CA VAL A 63 -15.81 -13.45 3.01
C VAL A 63 -14.29 -13.62 3.04
N GLY A 64 -13.81 -14.48 3.94
CA GLY A 64 -12.39 -14.80 4.08
C GLY A 64 -11.44 -13.64 4.02
N THR A 65 -11.82 -12.58 4.73
CA THR A 65 -11.10 -11.31 4.80
C THR A 65 -10.89 -10.72 3.40
N TRP A 66 -11.85 -11.05 2.54
CA TRP A 66 -11.93 -10.62 1.16
C TRP A 66 -10.93 -11.23 0.19
N GLY A 67 -10.45 -12.43 0.52
CA GLY A 67 -9.54 -13.11 -0.37
C GLY A 67 -8.33 -13.77 0.24
N PRO A 68 -7.61 -13.09 1.15
CA PRO A 68 -6.42 -13.68 1.76
C PRO A 68 -6.54 -15.03 2.50
N ALA A 69 -7.66 -15.27 3.18
CA ALA A 69 -7.80 -16.47 4.01
C ALA A 69 -8.13 -17.82 3.35
N ILE A 70 -7.47 -18.12 2.25
CA ILE A 70 -7.73 -19.35 1.51
C ILE A 70 -7.32 -20.60 2.29
N CYS A 71 -6.30 -20.51 3.12
CA CYS A 71 -5.85 -21.67 3.90
C CYS A 71 -6.65 -21.72 5.21
N GLY A 72 -7.47 -20.70 5.45
CA GLY A 72 -8.23 -20.64 6.67
C GLY A 72 -7.68 -19.54 7.58
N HIS A 73 -8.54 -18.97 8.39
CA HIS A 73 -8.12 -17.92 9.31
C HIS A 73 -7.13 -18.50 10.35
N ALA A 74 -6.20 -17.65 10.79
CA ALA A 74 -5.20 -18.00 11.80
C ALA A 74 -4.60 -19.40 11.67
N HIS A 75 -4.16 -19.75 10.47
CA HIS A 75 -3.56 -21.06 10.22
C HIS A 75 -2.41 -21.24 11.15
N PRO A 76 -2.40 -22.32 11.94
CA PRO A 76 -1.31 -22.54 12.89
C PRO A 76 0.12 -22.59 12.32
N GLU A 77 0.28 -23.21 11.14
CA GLU A 77 1.61 -23.28 10.53
C GLU A 77 2.12 -21.94 10.07
N VAL A 78 1.20 -21.05 9.75
CA VAL A 78 1.55 -19.72 9.30
C VAL A 78 1.90 -18.84 10.51
N ILE A 79 1.03 -18.79 11.52
CA ILE A 79 1.33 -17.96 12.69
C ILE A 79 2.54 -18.42 13.50
N GLU A 80 2.86 -19.70 13.53
CA GLU A 80 4.07 -20.02 14.28
C GLU A 80 5.29 -19.54 13.49
N ALA A 81 5.23 -19.64 12.16
CA ALA A 81 6.33 -19.17 11.29
C ALA A 81 6.51 -17.66 11.46
N LEU A 82 5.43 -16.92 11.64
CA LEU A 82 5.50 -15.47 11.87
C LEU A 82 6.06 -15.12 13.25
N LYS A 83 5.82 -15.97 14.26
CA LYS A 83 6.31 -15.76 15.62
C LYS A 83 7.82 -15.88 15.62
N VAL A 84 8.36 -16.91 14.99
CA VAL A 84 9.80 -17.10 14.90
C VAL A 84 10.46 -15.94 14.13
N ALA A 85 9.83 -15.55 13.03
CA ALA A 85 10.33 -14.48 12.19
C ALA A 85 10.43 -13.14 12.88
N MET A 86 9.34 -12.65 13.43
CA MET A 86 9.37 -11.34 14.07
C MET A 86 10.44 -11.15 15.12
N GLU A 87 10.96 -12.27 15.63
CA GLU A 87 12.01 -12.22 16.63
C GLU A 87 13.24 -11.52 16.03
N LYS A 88 13.45 -11.71 14.71
CA LYS A 88 14.59 -11.11 13.98
C LYS A 88 14.39 -9.67 13.48
N GLY A 89 13.21 -9.09 13.70
CA GLY A 89 12.91 -7.74 13.26
C GLY A 89 11.81 -7.81 12.19
N THR A 90 10.92 -6.80 12.13
CA THR A 90 9.84 -6.85 11.14
C THR A 90 10.12 -6.19 9.80
N SER A 91 11.05 -5.24 9.78
CA SER A 91 11.38 -4.53 8.56
C SER A 91 12.89 -4.24 8.61
N PHE A 92 13.57 -4.40 7.48
CA PHE A 92 15.01 -4.16 7.38
C PHE A 92 15.35 -2.86 6.66
N GLY A 93 14.66 -2.59 5.55
CA GLY A 93 14.95 -1.40 4.78
C GLY A 93 16.18 -1.68 3.92
N ALA A 94 16.53 -2.96 3.81
CA ALA A 94 17.66 -3.44 3.05
C ALA A 94 17.26 -4.84 2.53
N PRO A 95 17.97 -5.37 1.52
CA PRO A 95 17.64 -6.69 0.97
C PRO A 95 17.69 -7.78 2.03
N CYS A 96 16.87 -8.82 1.86
CA CYS A 96 16.88 -9.95 2.78
C CYS A 96 16.70 -11.20 1.92
N ALA A 97 17.27 -12.33 2.31
CA ALA A 97 17.17 -13.56 1.53
C ALA A 97 15.74 -14.06 1.25
N LEU A 98 14.81 -13.72 2.13
CA LEU A 98 13.42 -14.13 1.97
C LEU A 98 12.79 -13.61 0.68
N GLU A 99 13.21 -12.44 0.23
CA GLU A 99 12.67 -11.86 -1.01
C GLU A 99 13.00 -12.76 -2.20
N ASN A 100 14.18 -13.36 -2.18
CA ASN A 100 14.61 -14.25 -3.23
C ASN A 100 13.78 -15.51 -3.24
N VAL A 101 13.48 -16.05 -2.06
CA VAL A 101 12.68 -17.27 -1.98
C VAL A 101 11.25 -17.07 -2.51
N LEU A 102 10.57 -16.03 -2.05
CA LEU A 102 9.21 -15.78 -2.52
C LEU A 102 9.20 -15.43 -4.02
N ALA A 103 10.18 -14.65 -4.47
CA ALA A 103 10.24 -14.25 -5.87
C ALA A 103 10.37 -15.50 -6.73
N GLU A 104 11.24 -16.40 -6.31
CA GLU A 104 11.47 -17.64 -7.04
C GLU A 104 10.21 -18.51 -7.07
N MET A 105 9.43 -18.46 -5.99
CA MET A 105 8.19 -19.23 -5.92
C MET A 105 7.12 -18.67 -6.85
N VAL A 106 7.03 -17.35 -6.93
CA VAL A 106 6.06 -16.70 -7.78
C VAL A 106 6.32 -16.95 -9.29
N ASN A 107 7.60 -16.94 -9.72
CA ASN A 107 7.97 -17.17 -11.14
C ASN A 107 7.57 -18.57 -11.56
N ASP A 108 7.80 -19.48 -10.63
CA ASP A 108 7.51 -20.88 -10.80
C ASP A 108 6.01 -21.06 -10.90
N ALA A 109 5.29 -20.39 -10.01
CA ALA A 109 3.85 -20.49 -9.96
C ALA A 109 3.11 -19.85 -11.12
N VAL A 110 3.39 -18.58 -11.42
CA VAL A 110 2.72 -17.87 -12.52
C VAL A 110 3.47 -17.96 -13.86
N PRO A 111 2.79 -18.53 -14.88
CA PRO A 111 3.27 -18.72 -16.25
C PRO A 111 3.90 -17.48 -16.93
N SER A 112 3.19 -16.36 -16.89
CA SER A 112 3.71 -15.16 -17.53
C SER A 112 4.79 -14.40 -16.78
N ILE A 113 4.94 -14.68 -15.48
CA ILE A 113 5.91 -13.97 -14.66
C ILE A 113 7.29 -14.55 -14.75
N GLU A 114 8.20 -13.70 -15.23
CA GLU A 114 9.62 -14.05 -15.39
C GLU A 114 10.47 -13.22 -14.45
N MET A 115 9.94 -12.08 -14.02
CA MET A 115 10.67 -11.19 -13.13
C MET A 115 9.58 -10.55 -12.26
N VAL A 116 9.82 -10.39 -10.95
CA VAL A 116 8.78 -9.81 -10.05
C VAL A 116 9.25 -8.63 -9.23
N ARG A 117 8.30 -7.83 -8.76
CA ARG A 117 8.58 -6.70 -7.91
C ARG A 117 7.48 -6.67 -6.87
N PHE A 118 7.87 -6.80 -5.61
CA PHE A 118 6.93 -6.81 -4.50
C PHE A 118 6.58 -5.40 -4.12
N VAL A 119 5.31 -5.21 -3.86
CA VAL A 119 4.77 -3.94 -3.50
C VAL A 119 3.90 -4.25 -2.23
N ASN A 120 3.21 -3.27 -1.66
CA ASN A 120 2.42 -3.51 -0.45
C ASN A 120 0.93 -3.78 -0.61
N SER A 121 0.39 -3.64 -1.81
CA SER A 121 -1.03 -3.90 -1.98
C SER A 121 -1.41 -4.08 -3.43
N GLY A 122 -2.69 -4.39 -3.63
CA GLY A 122 -3.19 -4.57 -4.98
C GLY A 122 -3.26 -3.23 -5.65
N THR A 123 -3.67 -2.20 -4.90
CA THR A 123 -3.80 -0.86 -5.43
C THR A 123 -2.46 -0.36 -5.98
N GLU A 124 -1.39 -0.78 -5.31
CA GLU A 124 -0.03 -0.41 -5.66
C GLU A 124 0.47 -1.18 -6.84
N ALA A 125 0.15 -2.47 -6.91
CA ALA A 125 0.59 -3.30 -8.02
C ALA A 125 -0.09 -2.81 -9.31
N CYS A 126 -1.37 -2.55 -9.22
CA CYS A 126 -2.14 -2.08 -10.36
C CYS A 126 -1.71 -0.69 -10.81
N MET A 127 -1.39 0.18 -9.87
CA MET A 127 -0.94 1.51 -10.24
C MET A 127 0.41 1.40 -10.98
N ALA A 128 1.32 0.58 -10.47
CA ALA A 128 2.63 0.39 -11.08
C ALA A 128 2.58 -0.24 -12.48
N VAL A 129 1.73 -1.23 -12.65
CA VAL A 129 1.59 -1.89 -13.94
C VAL A 129 0.97 -0.90 -14.93
N LEU A 130 0.11 -0.02 -14.46
CA LEU A 130 -0.54 0.99 -15.32
C LEU A 130 0.58 1.78 -15.95
N ARG A 131 1.51 2.25 -15.12
CA ARG A 131 2.64 3.05 -15.56
C ARG A 131 3.60 2.31 -16.49
N LEU A 132 3.81 1.02 -16.22
CA LEU A 132 4.71 0.20 -17.02
C LEU A 132 4.19 -0.09 -18.44
N MET A 133 2.89 -0.29 -18.56
CA MET A 133 2.26 -0.56 -19.85
C MET A 133 2.57 0.61 -20.75
N ARG A 134 2.45 1.79 -20.17
CA ARG A 134 2.68 3.04 -20.88
C ARG A 134 4.12 3.36 -21.23
N ALA A 135 5.03 3.03 -20.32
CA ALA A 135 6.45 3.24 -20.50
C ALA A 135 6.98 2.28 -21.55
N TYR A 136 6.47 1.06 -21.54
CA TYR A 136 6.92 0.08 -22.48
C TYR A 136 6.41 0.28 -23.91
N THR A 137 5.12 0.57 -24.06
CA THR A 137 4.53 0.75 -25.38
C THR A 137 4.66 2.15 -25.94
N GLY A 138 4.81 3.13 -25.05
CA GLY A 138 4.93 4.50 -25.48
C GLY A 138 3.56 5.09 -25.79
N ARG A 139 2.49 4.37 -25.49
CA ARG A 139 1.15 4.86 -25.75
C ARG A 139 0.46 5.24 -24.44
N ASP A 140 -0.49 6.18 -24.54
CA ASP A 140 -1.21 6.71 -23.39
C ASP A 140 -2.55 6.12 -22.99
N LYS A 141 -3.34 5.68 -23.95
CA LYS A 141 -4.66 5.17 -23.65
C LYS A 141 -4.62 3.76 -23.09
N ILE A 142 -5.66 3.44 -22.34
CA ILE A 142 -5.79 2.15 -21.66
C ILE A 142 -7.24 1.66 -21.73
N ILE A 143 -7.46 0.37 -22.01
CA ILE A 143 -8.82 -0.17 -22.06
C ILE A 143 -9.15 -0.97 -20.80
N LYS A 144 -10.22 -0.59 -20.10
CA LYS A 144 -10.66 -1.32 -18.92
C LYS A 144 -12.14 -1.58 -19.08
N PHE A 145 -12.60 -2.66 -18.44
CA PHE A 145 -14.01 -3.03 -18.48
C PHE A 145 -14.85 -2.46 -17.39
N GLU A 146 -16.10 -2.26 -17.74
CA GLU A 146 -17.11 -1.71 -16.87
C GLU A 146 -17.48 -2.75 -15.81
N GLY A 147 -17.36 -2.36 -14.54
CA GLY A 147 -17.68 -3.26 -13.44
C GLY A 147 -16.46 -3.88 -12.78
N CYS A 148 -15.30 -3.77 -13.41
CA CYS A 148 -14.06 -4.31 -12.86
C CYS A 148 -13.44 -3.34 -11.87
N TYR A 149 -12.54 -3.85 -11.03
CA TYR A 149 -11.88 -3.03 -10.02
C TYR A 149 -10.40 -3.35 -10.03
N HIS A 150 -9.54 -2.33 -9.94
CA HIS A 150 -8.08 -2.53 -9.94
C HIS A 150 -7.42 -1.54 -9.01
N GLY A 151 -8.10 -1.24 -7.91
CA GLY A 151 -7.55 -0.32 -6.93
C GLY A 151 -8.18 1.05 -7.14
N HIS A 152 -7.72 2.03 -6.37
CA HIS A 152 -8.26 3.37 -6.45
C HIS A 152 -7.36 4.40 -7.10
N ALA A 153 -6.39 3.95 -7.90
CA ALA A 153 -5.50 4.87 -8.62
C ALA A 153 -6.45 5.68 -9.50
N ASP A 154 -6.23 6.99 -9.62
CA ASP A 154 -7.09 7.88 -10.44
C ASP A 154 -7.64 7.33 -11.76
N MET A 155 -6.75 6.84 -12.63
CA MET A 155 -7.15 6.32 -13.92
C MET A 155 -8.12 5.14 -13.92
N PHE A 156 -8.20 4.44 -12.78
CA PHE A 156 -9.09 3.27 -12.70
C PHE A 156 -10.47 3.58 -12.16
N LEU A 157 -10.66 4.79 -11.63
CA LEU A 157 -11.93 5.24 -11.05
C LEU A 157 -12.94 5.64 -12.11
N VAL A 158 -13.21 4.73 -13.04
CA VAL A 158 -14.15 4.96 -14.13
C VAL A 158 -14.96 3.68 -14.30
N LYS A 159 -16.28 3.76 -14.11
CA LYS A 159 -17.16 2.59 -14.25
C LYS A 159 -16.59 1.41 -13.44
N ALA A 160 -16.12 1.69 -12.23
CA ALA A 160 -15.53 0.67 -11.36
C ALA A 160 -16.56 -0.19 -10.63
N GLY A 161 -16.12 -1.37 -10.22
CA GLY A 161 -16.97 -2.27 -9.47
C GLY A 161 -16.76 -2.14 -7.97
N SER A 162 -16.72 -3.29 -7.29
CA SER A 162 -16.52 -3.37 -5.83
C SER A 162 -17.43 -2.37 -5.10
N GLY A 163 -16.91 -1.65 -4.12
CA GLY A 163 -17.71 -0.69 -3.38
C GLY A 163 -18.38 0.45 -4.14
N VAL A 164 -17.86 0.86 -5.29
CA VAL A 164 -18.50 1.95 -6.05
C VAL A 164 -19.85 1.43 -6.52
N ALA A 165 -19.86 0.18 -7.02
CA ALA A 165 -21.08 -0.47 -7.50
C ALA A 165 -22.09 -0.55 -6.37
N THR A 166 -21.69 -1.24 -5.30
CA THR A 166 -22.50 -1.45 -4.09
C THR A 166 -23.17 -0.18 -3.54
N LEU A 167 -22.39 0.89 -3.43
CA LEU A 167 -22.86 2.14 -2.90
C LEU A 167 -23.50 3.03 -3.97
N GLY A 168 -23.57 2.53 -5.21
CA GLY A 168 -24.17 3.30 -6.29
C GLY A 168 -23.51 4.66 -6.45
N LEU A 169 -22.19 4.66 -6.43
CA LEU A 169 -21.38 5.86 -6.56
C LEU A 169 -21.02 6.13 -8.02
N PRO A 170 -20.93 7.42 -8.40
CA PRO A 170 -20.57 7.78 -9.77
C PRO A 170 -19.06 7.65 -9.95
N SER A 171 -18.56 7.84 -11.16
CA SER A 171 -17.14 7.76 -11.39
C SER A 171 -16.44 8.88 -10.61
N SER A 172 -15.28 8.53 -10.05
CA SER A 172 -14.37 9.48 -9.38
C SER A 172 -14.46 10.22 -8.04
N PRO A 173 -14.52 11.58 -8.12
CA PRO A 173 -14.61 13.01 -7.80
C PRO A 173 -13.18 13.31 -7.38
N GLY A 174 -12.58 14.36 -7.93
CA GLY A 174 -11.21 14.66 -7.55
C GLY A 174 -10.16 14.17 -8.51
N VAL A 175 -10.56 13.42 -9.55
CA VAL A 175 -9.61 12.99 -10.57
C VAL A 175 -9.91 13.85 -11.81
N PRO A 176 -8.93 14.65 -12.23
CA PRO A 176 -9.03 15.55 -13.38
C PRO A 176 -9.53 14.87 -14.65
N LYS A 177 -10.39 15.56 -15.38
CA LYS A 177 -10.96 15.07 -16.65
C LYS A 177 -9.82 14.65 -17.57
N LYS A 178 -8.79 15.49 -17.55
CA LYS A 178 -7.56 15.34 -18.31
C LYS A 178 -6.96 13.93 -18.23
N THR A 179 -6.96 13.33 -17.03
CA THR A 179 -6.39 11.99 -16.80
C THR A 179 -7.40 10.88 -17.12
N THR A 180 -8.64 11.16 -16.77
CA THR A 180 -9.74 10.22 -16.96
C THR A 180 -9.99 9.90 -18.45
N ALA A 181 -9.62 10.82 -19.34
CA ALA A 181 -9.81 10.69 -20.79
C ALA A 181 -8.99 9.61 -21.48
N ASN A 182 -7.91 9.16 -20.84
CA ASN A 182 -7.05 8.13 -21.41
C ASN A 182 -7.53 6.73 -21.02
N THR A 183 -8.67 6.66 -20.33
CA THR A 183 -9.22 5.37 -19.94
C THR A 183 -10.41 5.10 -20.85
N LEU A 184 -10.29 4.06 -21.64
CA LEU A 184 -11.35 3.66 -22.54
C LEU A 184 -12.06 2.52 -21.86
N THR A 185 -13.39 2.56 -21.80
CA THR A 185 -14.16 1.49 -21.17
C THR A 185 -15.03 0.74 -22.15
N THR A 186 -15.39 -0.48 -21.80
CA THR A 186 -16.23 -1.32 -22.64
C THR A 186 -16.88 -2.38 -21.75
N PRO A 187 -18.05 -2.92 -22.15
CA PRO A 187 -18.72 -3.94 -21.35
C PRO A 187 -17.92 -5.25 -21.33
N TYR A 188 -17.91 -5.93 -20.20
CA TYR A 188 -17.20 -7.18 -20.07
C TYR A 188 -17.84 -8.17 -21.04
N ASN A 189 -17.05 -9.11 -21.55
CA ASN A 189 -17.49 -10.13 -22.52
C ASN A 189 -17.87 -9.66 -23.93
N ASP A 190 -17.65 -8.38 -24.22
CA ASP A 190 -17.96 -7.83 -25.54
C ASP A 190 -16.67 -7.64 -26.37
N LEU A 191 -16.28 -8.67 -27.12
CA LEU A 191 -15.09 -8.58 -27.96
C LEU A 191 -15.18 -7.49 -29.07
N GLU A 192 -16.37 -7.30 -29.60
CA GLU A 192 -16.60 -6.33 -30.66
C GLU A 192 -16.42 -4.88 -30.25
N ALA A 193 -16.81 -4.55 -29.02
CA ALA A 193 -16.67 -3.18 -28.54
C ALA A 193 -15.19 -2.84 -28.38
N VAL A 194 -14.40 -3.87 -28.10
CA VAL A 194 -12.96 -3.78 -27.92
C VAL A 194 -12.28 -3.52 -29.25
N LYS A 195 -12.65 -4.30 -30.28
CA LYS A 195 -12.09 -4.12 -31.64
C LYS A 195 -12.44 -2.71 -32.14
N ALA A 196 -13.64 -2.23 -31.86
CA ALA A 196 -14.07 -0.88 -32.25
C ALA A 196 -13.16 0.18 -31.63
N LEU A 197 -12.81 0.00 -30.36
CA LEU A 197 -11.94 0.94 -29.65
C LEU A 197 -10.53 0.99 -30.26
N PHE A 198 -10.05 -0.14 -30.74
CA PHE A 198 -8.72 -0.20 -31.36
C PHE A 198 -8.74 0.50 -32.71
N ALA A 199 -9.71 0.11 -33.54
CA ALA A 199 -9.87 0.66 -34.88
C ALA A 199 -10.21 2.14 -34.89
N GLU A 200 -10.51 2.69 -33.74
CA GLU A 200 -10.90 4.08 -33.64
C GLU A 200 -9.78 4.90 -32.98
N ASN A 201 -8.79 4.21 -32.40
CA ASN A 201 -7.66 4.86 -31.74
C ASN A 201 -6.39 4.12 -32.13
N PRO A 202 -6.05 4.11 -33.44
CA PRO A 202 -4.84 3.43 -33.94
C PRO A 202 -3.54 3.94 -33.36
N GLY A 203 -2.67 3.02 -32.94
CA GLY A 203 -1.39 3.38 -32.35
C GLY A 203 -1.48 4.19 -31.08
N GLU A 204 -2.63 4.13 -30.40
CA GLU A 204 -2.82 4.89 -29.17
C GLU A 204 -3.09 4.03 -27.93
N ILE A 205 -3.52 2.77 -28.12
CA ILE A 205 -3.83 1.92 -26.97
C ILE A 205 -2.59 1.22 -26.45
N ALA A 206 -2.28 1.43 -25.18
CA ALA A 206 -1.13 0.79 -24.53
C ALA A 206 -1.50 -0.69 -24.25
N GLY A 207 -2.73 -0.94 -23.82
CA GLY A 207 -3.16 -2.30 -23.57
C GLY A 207 -4.52 -2.49 -22.91
N VAL A 208 -4.82 -3.73 -22.56
CA VAL A 208 -6.08 -4.10 -21.95
C VAL A 208 -5.86 -4.71 -20.56
N ILE A 209 -6.57 -4.20 -19.54
CA ILE A 209 -6.44 -4.75 -18.20
C ILE A 209 -7.81 -5.26 -17.76
N LEU A 210 -7.86 -6.49 -17.28
CA LEU A 210 -9.13 -7.07 -16.83
C LEU A 210 -8.94 -8.11 -15.72
N GLU A 211 -10.04 -8.40 -15.01
CA GLU A 211 -10.05 -9.43 -13.98
C GLU A 211 -10.39 -10.58 -14.91
N PRO A 212 -9.48 -11.55 -15.09
CA PRO A 212 -9.79 -12.66 -16.00
C PRO A 212 -11.11 -13.36 -15.67
N ILE A 213 -11.43 -13.43 -14.38
CA ILE A 213 -12.71 -13.95 -13.91
C ILE A 213 -13.07 -12.85 -12.95
N VAL A 214 -14.17 -12.18 -13.23
CA VAL A 214 -14.63 -11.07 -12.43
C VAL A 214 -15.14 -11.53 -11.07
N GLY A 215 -14.84 -10.73 -10.06
CA GLY A 215 -15.28 -11.01 -8.72
C GLY A 215 -15.79 -9.72 -8.12
N ASN A 216 -15.60 -8.61 -8.82
CA ASN A 216 -16.01 -7.31 -8.29
C ASN A 216 -17.32 -6.68 -8.71
N SER A 217 -18.10 -7.38 -9.52
CA SER A 217 -19.44 -6.93 -9.92
C SER A 217 -20.19 -8.27 -9.87
N GLY A 218 -19.89 -9.03 -8.81
CA GLY A 218 -20.46 -10.35 -8.64
C GLY A 218 -19.49 -11.32 -9.28
N PHE A 219 -19.85 -12.59 -9.36
CA PHE A 219 -18.97 -13.57 -9.97
C PHE A 219 -19.34 -13.74 -11.46
N ILE A 220 -18.43 -13.38 -12.37
CA ILE A 220 -18.67 -13.51 -13.81
C ILE A 220 -17.51 -14.24 -14.54
N VAL A 221 -17.82 -15.32 -15.23
CA VAL A 221 -16.80 -16.07 -15.95
C VAL A 221 -16.72 -15.57 -17.42
N PRO A 222 -15.53 -15.62 -18.05
CA PRO A 222 -15.47 -15.15 -19.44
C PRO A 222 -16.16 -16.11 -20.38
N ASP A 223 -16.79 -15.58 -21.42
CA ASP A 223 -17.46 -16.41 -22.42
C ASP A 223 -16.36 -17.14 -23.16
N ALA A 224 -16.71 -18.23 -23.83
CA ALA A 224 -15.74 -19.02 -24.58
C ALA A 224 -15.11 -18.13 -25.67
N GLY A 225 -13.77 -18.21 -25.78
CA GLY A 225 -13.05 -17.44 -26.79
C GLY A 225 -12.73 -15.97 -26.48
N PHE A 226 -13.35 -15.40 -25.46
CA PHE A 226 -13.15 -14.01 -25.06
C PHE A 226 -11.71 -13.67 -24.66
N LEU A 227 -11.08 -14.50 -23.83
CA LEU A 227 -9.70 -14.25 -23.43
C LEU A 227 -8.75 -14.53 -24.59
N GLU A 228 -8.99 -15.62 -25.32
CA GLU A 228 -8.16 -15.96 -26.47
C GLU A 228 -8.27 -14.84 -27.51
N GLY A 229 -9.44 -14.20 -27.53
CA GLY A 229 -9.68 -13.12 -28.46
C GLY A 229 -8.92 -11.88 -28.04
N LEU A 230 -8.93 -11.59 -26.74
CA LEU A 230 -8.21 -10.44 -26.20
C LEU A 230 -6.70 -10.61 -26.42
N ARG A 231 -6.22 -11.83 -26.36
CA ARG A 231 -4.82 -12.15 -26.58
C ARG A 231 -4.50 -11.86 -28.05
N GLU A 232 -5.38 -12.34 -28.93
CA GLU A 232 -5.24 -12.14 -30.38
C GLU A 232 -5.22 -10.67 -30.77
N ILE A 233 -6.30 -9.93 -30.48
CA ILE A 233 -6.33 -8.54 -30.87
C ILE A 233 -5.26 -7.61 -30.23
N THR A 234 -4.69 -7.99 -29.08
CA THR A 234 -3.64 -7.14 -28.49
C THR A 234 -2.30 -7.42 -29.17
N LEU A 235 -2.04 -8.68 -29.51
CA LEU A 235 -0.79 -9.03 -30.20
C LEU A 235 -0.69 -8.35 -31.56
N GLU A 236 -1.84 -8.26 -32.23
CA GLU A 236 -1.98 -7.67 -33.55
C GLU A 236 -1.73 -6.16 -33.61
N HIS A 237 -2.02 -5.43 -32.54
CA HIS A 237 -1.79 -4.00 -32.53
C HIS A 237 -0.65 -3.62 -31.61
N ASP A 238 0.22 -4.60 -31.37
CA ASP A 238 1.37 -4.46 -30.48
C ASP A 238 0.99 -3.76 -29.15
N ALA A 239 -0.09 -4.24 -28.53
CA ALA A 239 -0.58 -3.74 -27.24
C ALA A 239 -0.40 -4.82 -26.15
N LEU A 240 -0.43 -4.40 -24.90
CA LEU A 240 -0.23 -5.33 -23.78
C LEU A 240 -1.53 -5.97 -23.21
N LEU A 241 -1.43 -7.24 -22.87
CA LEU A 241 -2.54 -7.99 -22.25
C LEU A 241 -2.17 -8.09 -20.76
N VAL A 242 -2.87 -7.33 -19.92
CA VAL A 242 -2.61 -7.35 -18.46
C VAL A 242 -3.77 -7.99 -17.67
N PHE A 243 -3.45 -9.05 -16.93
CA PHE A 243 -4.41 -9.77 -16.10
C PHE A 243 -4.30 -9.32 -14.65
N ASP A 244 -5.37 -8.73 -14.11
CA ASP A 244 -5.36 -8.34 -12.72
C ASP A 244 -5.80 -9.58 -11.95
N GLU A 245 -4.83 -10.34 -11.44
CA GLU A 245 -5.10 -11.55 -10.67
C GLU A 245 -4.93 -11.38 -9.13
N VAL A 246 -5.23 -10.18 -8.65
CA VAL A 246 -5.13 -9.88 -7.24
C VAL A 246 -6.11 -10.73 -6.43
N MET A 247 -7.27 -11.02 -7.01
CA MET A 247 -8.28 -11.83 -6.33
C MET A 247 -8.30 -13.27 -6.83
N THR A 248 -8.07 -13.47 -8.13
CA THR A 248 -8.10 -14.82 -8.70
C THR A 248 -6.81 -15.59 -8.49
N GLY A 249 -5.69 -14.89 -8.38
CA GLY A 249 -4.41 -15.55 -8.21
C GLY A 249 -4.33 -16.47 -7.01
N PHE A 250 -3.74 -17.65 -7.20
CA PHE A 250 -3.60 -18.63 -6.15
C PHE A 250 -4.93 -19.24 -5.63
N ARG A 251 -6.06 -18.67 -6.06
CA ARG A 251 -7.39 -19.18 -5.71
C ARG A 251 -7.98 -20.09 -6.79
N ILE A 252 -8.13 -19.59 -8.02
CA ILE A 252 -8.66 -20.37 -9.15
C ILE A 252 -7.76 -21.57 -9.46
N ALA A 253 -6.46 -21.40 -9.25
CA ALA A 253 -5.48 -22.46 -9.47
C ALA A 253 -4.17 -21.95 -8.88
N TYR A 254 -3.16 -22.80 -8.79
CA TYR A 254 -1.88 -22.36 -8.23
C TYR A 254 -1.35 -21.21 -9.08
N GLY A 255 -1.51 -21.32 -10.40
CA GLY A 255 -1.06 -20.26 -11.28
C GLY A 255 -2.16 -19.32 -11.73
N GLY A 256 -3.30 -19.38 -11.05
CA GLY A 256 -4.40 -18.51 -11.41
C GLY A 256 -5.15 -18.85 -12.68
N VAL A 257 -6.06 -17.96 -13.08
CA VAL A 257 -6.85 -18.17 -14.29
C VAL A 257 -5.96 -18.45 -15.51
N GLN A 258 -4.93 -17.62 -15.72
CA GLN A 258 -4.04 -17.79 -16.86
C GLN A 258 -3.52 -19.21 -17.03
N GLU A 259 -3.32 -19.93 -15.94
CA GLU A 259 -2.88 -21.32 -16.01
C GLU A 259 -4.11 -22.21 -16.26
N LYS A 260 -5.18 -21.95 -15.51
CA LYS A 260 -6.41 -22.72 -15.60
C LYS A 260 -7.00 -22.73 -17.01
N PHE A 261 -7.26 -21.53 -17.53
CA PHE A 261 -7.85 -21.36 -18.86
C PHE A 261 -6.85 -21.35 -19.99
N GLY A 262 -5.57 -21.51 -19.66
CA GLY A 262 -4.51 -21.54 -20.65
C GLY A 262 -4.20 -20.33 -21.53
N VAL A 263 -4.46 -19.11 -21.07
CA VAL A 263 -4.11 -17.92 -21.85
C VAL A 263 -3.05 -17.14 -21.07
N THR A 264 -1.89 -16.95 -21.68
CA THR A 264 -0.77 -16.23 -21.05
C THR A 264 -0.64 -14.76 -21.46
N PRO A 265 -0.79 -13.83 -20.48
CA PRO A 265 -0.69 -12.38 -20.66
C PRO A 265 0.78 -11.93 -20.60
N ASP A 266 0.98 -10.61 -20.63
CA ASP A 266 2.33 -10.02 -20.62
C ASP A 266 2.74 -9.53 -19.25
N LEU A 267 1.75 -9.14 -18.49
CA LEU A 267 1.96 -8.60 -17.17
C LEU A 267 0.76 -9.04 -16.33
N THR A 268 1.00 -9.44 -15.08
CA THR A 268 -0.09 -9.79 -14.16
C THR A 268 0.18 -9.20 -12.78
N THR A 269 -0.89 -8.77 -12.11
CA THR A 269 -0.75 -8.18 -10.78
C THR A 269 -1.27 -9.19 -9.75
N LEU A 270 -0.59 -9.27 -8.58
CA LEU A 270 -0.92 -10.17 -7.47
C LEU A 270 -1.14 -9.40 -6.16
N GLY A 271 -1.92 -10.00 -5.27
CA GLY A 271 -2.22 -9.41 -3.97
C GLY A 271 -2.89 -10.47 -3.12
N LYS A 272 -3.70 -10.03 -2.18
CA LYS A 272 -4.40 -10.82 -1.18
C LYS A 272 -3.71 -12.10 -0.68
N ILE A 273 -4.00 -13.19 -1.34
CA ILE A 273 -3.52 -14.48 -0.89
C ILE A 273 -1.98 -14.47 -0.80
N ILE A 274 -1.32 -13.67 -1.63
CA ILE A 274 0.14 -13.64 -1.63
C ILE A 274 0.70 -13.08 -0.32
N GLY A 275 -0.12 -12.34 0.42
CA GLY A 275 0.31 -11.77 1.69
C GLY A 275 0.07 -12.70 2.85
N GLY A 276 -0.80 -13.67 2.63
CA GLY A 276 -1.11 -14.66 3.66
C GLY A 276 -1.80 -14.07 4.87
N GLY A 277 -2.28 -12.84 4.77
CA GLY A 277 -2.93 -12.20 5.91
C GLY A 277 -2.26 -10.88 6.25
N LEU A 278 -1.09 -10.64 5.65
CA LEU A 278 -0.35 -9.38 5.87
C LEU A 278 -0.45 -8.58 4.58
N PRO A 279 -0.13 -7.26 4.61
CA PRO A 279 -0.19 -6.38 3.43
C PRO A 279 0.95 -6.66 2.42
N VAL A 280 0.63 -7.32 1.30
CA VAL A 280 1.61 -7.63 0.25
C VAL A 280 0.91 -7.53 -1.11
N GLY A 281 1.67 -7.12 -2.11
CA GLY A 281 1.14 -7.03 -3.47
C GLY A 281 2.33 -7.36 -4.34
N ALA A 282 2.13 -7.48 -5.65
CA ALA A 282 3.24 -7.76 -6.56
C ALA A 282 2.80 -7.63 -8.02
N TYR A 283 3.75 -7.42 -8.92
CA TYR A 283 3.48 -7.35 -10.34
C TYR A 283 4.74 -7.87 -11.01
N GLY A 284 4.55 -8.53 -12.14
CA GLY A 284 5.67 -9.10 -12.88
C GLY A 284 5.16 -9.52 -14.23
N GLY A 285 6.04 -10.00 -15.09
CA GLY A 285 5.62 -10.42 -16.42
C GLY A 285 6.86 -10.74 -17.23
N LYS A 286 6.82 -10.45 -18.54
CA LYS A 286 7.96 -10.70 -19.42
C LYS A 286 9.20 -9.92 -18.93
N ARG A 287 10.37 -10.56 -18.98
CA ARG A 287 11.59 -9.94 -18.51
C ARG A 287 11.89 -8.60 -19.20
N GLU A 288 11.71 -8.56 -20.52
CA GLU A 288 12.00 -7.35 -21.29
C GLU A 288 11.13 -6.18 -20.95
N ILE A 289 9.98 -6.42 -20.34
CA ILE A 289 9.07 -5.36 -19.94
C ILE A 289 9.46 -4.90 -18.55
N MET A 290 9.74 -5.86 -17.66
CA MET A 290 10.12 -5.58 -16.25
C MET A 290 11.44 -4.82 -16.12
N GLN A 291 12.31 -4.96 -17.14
CA GLN A 291 13.61 -4.28 -17.19
C GLN A 291 13.53 -2.75 -17.15
N LEU A 292 12.35 -2.20 -17.39
CA LEU A 292 12.14 -0.75 -17.37
C LEU A 292 11.98 -0.20 -15.95
N VAL A 293 11.81 -1.11 -14.99
CA VAL A 293 11.60 -0.71 -13.61
C VAL A 293 12.94 -0.42 -12.94
N ALA A 294 12.99 0.69 -12.21
CA ALA A 294 14.20 1.09 -11.49
C ALA A 294 14.45 0.08 -10.36
N PRO A 295 15.71 -0.14 -9.98
CA PRO A 295 16.93 0.49 -10.52
C PRO A 295 17.53 -0.12 -11.82
N ALA A 296 16.78 -1.01 -12.49
CA ALA A 296 17.26 -1.61 -13.75
C ALA A 296 16.93 -0.69 -14.96
N GLY A 297 15.76 -0.05 -14.92
CA GLY A 297 15.36 0.82 -16.01
C GLY A 297 15.03 2.22 -15.52
N PRO A 298 14.42 3.03 -16.38
CA PRO A 298 14.04 4.42 -16.08
C PRO A 298 12.76 4.67 -15.29
N MET A 299 11.89 3.67 -15.20
CA MET A 299 10.63 3.86 -14.47
C MET A 299 10.79 3.74 -12.94
N TYR A 300 10.56 4.84 -12.23
CA TYR A 300 10.72 4.86 -10.79
C TYR A 300 9.52 4.36 -9.98
N GLN A 301 9.78 3.41 -9.09
CA GLN A 301 8.76 2.85 -8.23
C GLN A 301 9.50 2.35 -6.99
N ALA A 302 9.20 3.00 -5.86
CA ALA A 302 9.81 2.66 -4.58
C ALA A 302 8.74 2.28 -3.56
N GLY A 303 9.18 1.79 -2.40
CA GLY A 303 8.27 1.41 -1.33
C GLY A 303 9.10 1.10 -0.10
N THR A 304 8.85 1.80 1.00
CA THR A 304 9.61 1.59 2.23
C THR A 304 9.52 0.17 2.85
N LEU A 305 8.30 -0.36 2.92
CA LEU A 305 8.07 -1.69 3.50
C LEU A 305 7.97 -2.85 2.54
N SER A 306 8.14 -2.58 1.25
CA SER A 306 8.07 -3.61 0.24
C SER A 306 9.18 -4.60 0.50
N GLY A 307 8.86 -5.88 0.45
CA GLY A 307 9.86 -6.90 0.70
C GLY A 307 10.27 -7.11 2.15
N ASN A 308 9.55 -6.53 3.12
CA ASN A 308 9.89 -6.72 4.53
C ASN A 308 9.78 -8.21 4.85
N PRO A 309 10.60 -8.70 5.81
CA PRO A 309 10.62 -10.11 6.20
C PRO A 309 9.32 -10.75 6.74
N LEU A 310 8.48 -10.02 7.45
CA LEU A 310 7.24 -10.62 7.95
C LEU A 310 6.36 -11.06 6.81
N ALA A 311 5.98 -10.11 5.97
CA ALA A 311 5.15 -10.35 4.79
C ALA A 311 5.71 -11.48 3.90
N MET A 312 7.02 -11.49 3.66
CA MET A 312 7.65 -12.53 2.85
C MET A 312 7.44 -13.91 3.47
N THR A 313 7.63 -14.00 4.79
CA THR A 313 7.44 -15.25 5.52
C THR A 313 5.99 -15.70 5.37
N ALA A 314 5.05 -14.78 5.60
CA ALA A 314 3.64 -15.11 5.47
C ALA A 314 3.30 -15.68 4.08
N GLY A 315 3.78 -15.01 3.04
CA GLY A 315 3.52 -15.46 1.69
C GLY A 315 4.19 -16.78 1.40
N ILE A 316 5.44 -16.91 1.82
CA ILE A 316 6.16 -18.13 1.60
C ILE A 316 5.39 -19.31 2.19
N LYS A 317 5.00 -19.23 3.46
CA LYS A 317 4.26 -20.32 4.11
C LYS A 317 2.93 -20.63 3.46
N THR A 318 2.20 -19.59 3.09
CA THR A 318 0.91 -19.78 2.45
C THR A 318 1.06 -20.52 1.11
N LEU A 319 2.01 -20.11 0.28
CA LEU A 319 2.21 -20.78 -1.00
C LEU A 319 2.64 -22.23 -0.81
N GLU A 320 3.35 -22.53 0.28
CA GLU A 320 3.79 -23.90 0.56
C GLU A 320 2.62 -24.78 0.93
N LEU A 321 1.63 -24.22 1.61
CA LEU A 321 0.45 -25.00 1.96
C LEU A 321 -0.39 -25.34 0.70
N LEU A 322 -0.54 -24.35 -0.19
CA LEU A 322 -1.28 -24.50 -1.44
C LEU A 322 -0.65 -25.51 -2.40
N ARG A 323 0.66 -25.57 -2.40
CA ARG A 323 1.43 -26.47 -3.24
C ARG A 323 1.16 -27.95 -2.95
N GLN A 324 0.56 -28.24 -1.80
CA GLN A 324 0.29 -29.63 -1.44
C GLN A 324 -0.76 -30.24 -2.35
N PRO A 325 -0.69 -31.56 -2.54
CA PRO A 325 -1.63 -32.30 -3.39
C PRO A 325 -3.07 -32.30 -2.83
N GLY A 326 -4.05 -32.17 -3.71
CA GLY A 326 -5.43 -32.18 -3.29
C GLY A 326 -6.03 -30.84 -2.91
N THR A 327 -5.19 -29.81 -2.90
CA THR A 327 -5.62 -28.46 -2.55
C THR A 327 -6.79 -27.92 -3.36
N TYR A 328 -6.58 -27.75 -4.66
CA TYR A 328 -7.62 -27.20 -5.52
C TYR A 328 -8.77 -28.16 -5.82
N GLU A 329 -8.52 -29.44 -5.64
CA GLU A 329 -9.55 -30.45 -5.85
C GLU A 329 -10.55 -30.34 -4.70
N TYR A 330 -10.06 -30.23 -3.46
CA TYR A 330 -10.93 -30.09 -2.29
C TYR A 330 -11.76 -28.83 -2.42
N LEU A 331 -11.09 -27.73 -2.77
CA LEU A 331 -11.76 -26.46 -2.93
C LEU A 331 -12.86 -26.54 -3.96
N ASP A 332 -12.62 -27.21 -5.08
CA ASP A 332 -13.65 -27.33 -6.11
C ASP A 332 -14.85 -28.13 -5.59
N GLN A 333 -14.55 -29.29 -5.00
CA GLN A 333 -15.55 -30.21 -4.47
C GLN A 333 -16.53 -29.57 -3.47
N ILE A 334 -16.02 -28.97 -2.41
CA ILE A 334 -16.90 -28.34 -1.42
C ILE A 334 -17.62 -27.08 -1.91
N THR A 335 -17.04 -26.36 -2.86
CA THR A 335 -17.66 -25.14 -3.38
C THR A 335 -18.78 -25.51 -4.37
N LYS A 336 -18.58 -26.62 -5.07
CA LYS A 336 -19.56 -27.10 -6.02
C LYS A 336 -20.85 -27.42 -5.27
N ARG A 337 -20.76 -28.21 -4.19
CA ARG A 337 -21.93 -28.58 -3.37
C ARG A 337 -22.66 -27.33 -2.87
N LEU A 338 -21.89 -26.34 -2.42
CA LEU A 338 -22.46 -25.10 -1.90
C LEU A 338 -23.23 -24.36 -2.99
N SER A 339 -22.55 -24.10 -4.10
CA SER A 339 -23.17 -23.39 -5.23
C SER A 339 -24.43 -24.09 -5.73
N ASP A 340 -24.26 -25.35 -6.13
CA ASP A 340 -25.36 -26.17 -6.61
C ASP A 340 -26.48 -26.17 -5.56
N GLY A 341 -26.13 -26.50 -4.33
CA GLY A 341 -27.09 -26.54 -3.25
C GLY A 341 -27.89 -25.26 -3.10
N LEU A 342 -27.20 -24.13 -3.13
CA LEU A 342 -27.82 -22.82 -3.01
C LEU A 342 -28.81 -22.58 -4.14
N LEU A 343 -28.41 -22.99 -5.35
CA LEU A 343 -29.27 -22.83 -6.52
C LEU A 343 -30.50 -23.73 -6.40
N ALA A 344 -30.30 -24.98 -5.98
CA ALA A 344 -31.40 -25.94 -5.79
C ALA A 344 -32.43 -25.37 -4.80
N ILE A 345 -31.95 -24.82 -3.69
CA ILE A 345 -32.84 -24.27 -2.67
C ILE A 345 -33.62 -23.08 -3.23
N ALA A 346 -32.98 -22.27 -4.06
CA ALA A 346 -33.67 -21.10 -4.60
C ALA A 346 -34.85 -21.54 -5.46
N GLN A 347 -34.61 -22.53 -6.33
CA GLN A 347 -35.63 -23.06 -7.23
C GLN A 347 -36.77 -23.69 -6.42
N GLU A 348 -36.40 -24.51 -5.46
CA GLU A 348 -37.34 -25.21 -4.59
C GLU A 348 -38.20 -24.27 -3.73
N THR A 349 -37.68 -23.13 -3.35
CA THR A 349 -38.47 -22.18 -2.56
C THR A 349 -39.11 -21.10 -3.45
N GLY A 350 -38.95 -21.25 -4.77
CA GLY A 350 -39.57 -20.33 -5.72
C GLY A 350 -38.92 -18.97 -5.93
N HIS A 351 -37.62 -18.96 -6.16
CA HIS A 351 -36.88 -17.72 -6.37
C HIS A 351 -36.00 -17.78 -7.60
N ALA A 352 -36.04 -16.70 -8.36
CA ALA A 352 -35.25 -16.58 -9.58
C ALA A 352 -33.83 -16.38 -9.08
N ALA A 353 -32.90 -17.20 -9.56
CA ALA A 353 -31.52 -17.10 -9.15
C ALA A 353 -30.57 -17.80 -10.09
N CYS A 354 -29.34 -17.31 -10.15
CA CYS A 354 -28.31 -17.93 -10.96
C CYS A 354 -26.99 -17.69 -10.27
N GLY A 355 -25.98 -18.44 -10.69
CA GLY A 355 -24.66 -18.33 -10.11
C GLY A 355 -23.77 -19.43 -10.64
N GLY A 356 -22.67 -19.68 -9.94
CA GLY A 356 -21.76 -20.71 -10.38
C GLY A 356 -20.50 -20.60 -9.56
N GLN A 357 -19.56 -21.50 -9.79
CA GLN A 357 -18.31 -21.47 -9.06
C GLN A 357 -17.20 -22.06 -9.88
N VAL A 358 -15.97 -21.69 -9.54
CA VAL A 358 -14.76 -22.21 -10.18
C VAL A 358 -13.76 -22.26 -9.03
N SER A 359 -13.39 -23.46 -8.61
CA SER A 359 -12.48 -23.65 -7.49
C SER A 359 -13.10 -22.97 -6.26
N GLY A 360 -12.31 -22.22 -5.49
CA GLY A 360 -12.82 -21.57 -4.30
C GLY A 360 -13.51 -20.22 -4.40
N MET A 361 -14.10 -19.91 -5.55
CA MET A 361 -14.80 -18.61 -5.75
C MET A 361 -16.21 -18.92 -6.32
N PHE A 362 -17.24 -18.23 -5.83
CA PHE A 362 -18.58 -18.48 -6.34
C PHE A 362 -19.40 -17.21 -6.24
N GLY A 363 -20.58 -17.24 -6.85
CA GLY A 363 -21.48 -16.10 -6.80
C GLY A 363 -22.92 -16.56 -6.83
N PHE A 364 -23.82 -15.77 -6.29
CA PHE A 364 -25.21 -16.17 -6.24
C PHE A 364 -26.04 -14.92 -6.45
N PHE A 365 -26.72 -14.81 -7.58
CA PHE A 365 -27.55 -13.63 -7.87
C PHE A 365 -29.06 -13.86 -7.77
N PHE A 366 -29.79 -12.87 -7.28
CA PHE A 366 -31.24 -12.97 -7.22
C PHE A 366 -31.83 -12.40 -8.51
N THR A 367 -31.58 -13.11 -9.60
CA THR A 367 -32.08 -12.78 -10.94
C THR A 367 -32.04 -14.06 -11.77
N GLU A 368 -32.91 -14.14 -12.76
CA GLU A 368 -33.01 -15.30 -13.62
C GLU A 368 -31.69 -15.56 -14.36
N GLY A 369 -31.09 -14.49 -14.85
CA GLY A 369 -29.82 -14.60 -15.56
C GLY A 369 -29.91 -15.07 -17.01
N PRO A 370 -28.78 -15.54 -17.60
CA PRO A 370 -27.49 -15.63 -16.93
C PRO A 370 -26.79 -14.26 -16.88
N VAL A 371 -25.71 -14.16 -16.13
CA VAL A 371 -24.99 -12.90 -16.03
C VAL A 371 -23.73 -12.94 -16.87
N HIS A 372 -23.62 -11.98 -17.79
CA HIS A 372 -22.43 -11.89 -18.66
C HIS A 372 -21.63 -10.61 -18.46
N ASN A 373 -22.26 -9.60 -17.88
CA ASN A 373 -21.60 -8.33 -17.63
C ASN A 373 -22.16 -7.57 -16.41
N TYR A 374 -21.65 -6.35 -16.21
CA TYR A 374 -22.06 -5.50 -15.10
C TYR A 374 -23.56 -5.14 -15.18
N GLU A 375 -24.04 -4.78 -16.38
CA GLU A 375 -25.45 -4.43 -16.56
C GLU A 375 -26.40 -5.56 -16.22
N ASP A 376 -26.02 -6.78 -16.61
CA ASP A 376 -26.80 -7.97 -16.32
C ASP A 376 -26.90 -8.11 -14.80
N ALA A 377 -25.75 -8.06 -14.12
CA ALA A 377 -25.66 -8.16 -12.67
C ALA A 377 -26.51 -7.11 -11.97
N LYS A 378 -26.58 -5.90 -12.55
CA LYS A 378 -27.36 -4.81 -11.94
C LYS A 378 -28.88 -5.04 -11.91
N LYS A 379 -29.35 -6.14 -12.48
CA LYS A 379 -30.77 -6.48 -12.52
C LYS A 379 -31.24 -7.36 -11.36
N SER A 380 -30.30 -7.77 -10.52
CA SER A 380 -30.61 -8.62 -9.39
C SER A 380 -31.50 -7.90 -8.41
N ASP A 381 -32.42 -8.64 -7.76
CA ASP A 381 -33.31 -8.02 -6.80
C ASP A 381 -32.49 -7.65 -5.56
N LEU A 382 -32.06 -6.39 -5.49
CA LEU A 382 -31.26 -5.91 -4.39
C LEU A 382 -31.95 -5.97 -3.03
N GLN A 383 -33.26 -5.74 -3.02
CA GLN A 383 -34.04 -5.79 -1.77
C GLN A 383 -34.15 -7.22 -1.22
N LYS A 384 -34.30 -8.20 -2.10
CA LYS A 384 -34.38 -9.57 -1.65
C LYS A 384 -33.05 -9.98 -1.04
N PHE A 385 -31.93 -9.59 -1.67
CA PHE A 385 -30.58 -9.92 -1.18
C PHE A 385 -30.37 -9.27 0.19
N SER A 386 -30.84 -8.05 0.34
CA SER A 386 -30.71 -7.33 1.60
C SER A 386 -31.34 -8.15 2.73
N ARG A 387 -32.58 -8.62 2.51
CA ARG A 387 -33.28 -9.42 3.51
C ARG A 387 -32.63 -10.80 3.68
N PHE A 388 -32.20 -11.40 2.57
CA PHE A 388 -31.57 -12.70 2.63
C PHE A 388 -30.24 -12.66 3.41
N HIS A 389 -29.55 -11.53 3.34
CA HIS A 389 -28.25 -11.37 4.02
C HIS A 389 -28.46 -11.31 5.51
N ARG A 390 -29.39 -10.46 5.93
CA ARG A 390 -29.72 -10.30 7.34
C ARG A 390 -30.18 -11.65 7.91
N GLY A 391 -30.97 -12.35 7.12
CA GLY A 391 -31.45 -13.65 7.53
C GLY A 391 -30.31 -14.61 7.72
N MET A 392 -29.39 -14.69 6.76
CA MET A 392 -28.25 -15.58 6.86
C MET A 392 -27.38 -15.24 8.08
N LEU A 393 -27.28 -13.95 8.34
CA LEU A 393 -26.50 -13.41 9.43
C LEU A 393 -27.05 -13.94 10.75
N GLU A 394 -28.36 -13.87 10.94
CA GLU A 394 -28.99 -14.36 12.17
C GLU A 394 -28.94 -15.89 12.33
N GLN A 395 -28.63 -16.60 11.24
CA GLN A 395 -28.54 -18.05 11.29
C GLN A 395 -27.07 -18.46 11.51
N GLY A 396 -26.19 -17.47 11.63
CA GLY A 396 -24.79 -17.77 11.86
C GLY A 396 -23.92 -17.95 10.65
N ILE A 397 -24.30 -17.33 9.52
CA ILE A 397 -23.53 -17.43 8.28
C ILE A 397 -23.14 -15.99 7.89
N TYR A 398 -21.86 -15.76 7.63
CA TYR A 398 -21.38 -14.43 7.25
C TYR A 398 -21.03 -14.36 5.75
N LEU A 399 -21.76 -13.55 5.00
CA LEU A 399 -21.58 -13.34 3.55
C LEU A 399 -21.18 -11.88 3.33
N ALA A 400 -20.52 -11.59 2.21
CA ALA A 400 -20.11 -10.21 1.90
C ALA A 400 -21.35 -9.33 1.85
N PRO A 401 -21.33 -8.17 2.51
CA PRO A 401 -22.50 -7.30 2.47
C PRO A 401 -22.76 -6.61 1.14
N SER A 402 -22.80 -7.40 0.07
CA SER A 402 -23.07 -6.88 -1.27
C SER A 402 -23.41 -7.98 -2.29
N GLN A 403 -24.27 -7.65 -3.23
CA GLN A 403 -24.64 -8.57 -4.29
C GLN A 403 -23.50 -8.58 -5.33
N PHE A 404 -22.65 -7.55 -5.30
CA PHE A 404 -21.54 -7.40 -6.25
C PHE A 404 -20.19 -7.88 -5.73
N GLU A 405 -20.19 -8.97 -4.97
CA GLU A 405 -18.96 -9.55 -4.42
C GLU A 405 -18.96 -11.04 -4.56
N ALA A 406 -17.88 -11.61 -5.06
CA ALA A 406 -17.79 -13.07 -5.18
C ALA A 406 -17.63 -13.55 -3.74
N GLY A 407 -18.15 -14.74 -3.43
CA GLY A 407 -18.02 -15.26 -2.08
C GLY A 407 -16.83 -16.19 -2.09
N PHE A 408 -16.20 -16.42 -0.94
CA PHE A 408 -15.04 -17.29 -0.90
C PHE A 408 -15.14 -18.48 0.03
N THR A 409 -14.33 -19.48 -0.27
CA THR A 409 -14.23 -20.73 0.45
C THR A 409 -12.74 -21.01 0.83
N SER A 410 -12.49 -21.83 1.85
CA SER A 410 -11.14 -22.11 2.33
C SER A 410 -10.87 -23.59 2.55
N LEU A 411 -9.61 -23.92 2.83
CA LEU A 411 -9.23 -25.29 3.08
C LEU A 411 -9.66 -25.73 4.49
N ALA A 412 -10.13 -24.75 5.27
CA ALA A 412 -10.58 -25.03 6.62
C ALA A 412 -12.08 -25.33 6.67
N HIS A 413 -12.83 -24.89 5.66
CA HIS A 413 -14.27 -25.17 5.62
C HIS A 413 -14.41 -26.70 5.49
N THR A 414 -15.36 -27.29 6.22
CA THR A 414 -15.57 -28.75 6.13
C THR A 414 -16.91 -29.02 5.50
N GLU A 415 -17.14 -30.29 5.13
CA GLU A 415 -18.38 -30.68 4.53
C GLU A 415 -19.52 -30.27 5.45
N GLU A 416 -19.26 -30.33 6.75
CA GLU A 416 -20.27 -29.97 7.72
C GLU A 416 -20.61 -28.49 7.65
N ASP A 417 -19.60 -27.64 7.54
CA ASP A 417 -19.85 -26.20 7.46
C ASP A 417 -20.74 -25.91 6.25
N ILE A 418 -20.49 -26.65 5.16
CA ILE A 418 -21.25 -26.49 3.93
C ILE A 418 -22.71 -26.85 4.19
N ASP A 419 -22.91 -28.05 4.76
CA ASP A 419 -24.24 -28.55 5.09
C ASP A 419 -24.99 -27.63 6.05
N ALA A 420 -24.29 -27.07 7.03
CA ALA A 420 -24.93 -26.15 7.95
C ALA A 420 -25.35 -24.87 7.23
N THR A 421 -24.58 -24.47 6.22
CA THR A 421 -24.91 -23.25 5.47
C THR A 421 -26.15 -23.52 4.63
N LEU A 422 -26.19 -24.70 4.01
CA LEU A 422 -27.34 -25.09 3.18
C LEU A 422 -28.61 -25.14 4.01
N ALA A 423 -28.49 -25.74 5.20
CA ALA A 423 -29.60 -25.85 6.13
C ALA A 423 -30.10 -24.45 6.49
N ALA A 424 -29.17 -23.51 6.58
CA ALA A 424 -29.52 -22.14 6.92
C ALA A 424 -30.13 -21.42 5.73
N ALA A 425 -29.64 -21.74 4.54
CA ALA A 425 -30.13 -21.10 3.33
C ALA A 425 -31.59 -21.46 3.16
N ARG A 426 -31.90 -22.74 3.37
CA ARG A 426 -33.27 -23.25 3.27
C ARG A 426 -34.22 -22.48 4.22
N THR A 427 -33.84 -22.38 5.48
CA THR A 427 -34.66 -21.68 6.47
C THR A 427 -34.96 -20.22 6.13
N VAL A 428 -33.93 -19.50 5.67
CA VAL A 428 -34.03 -18.08 5.31
C VAL A 428 -34.83 -17.88 4.03
N MET A 429 -34.53 -18.69 3.02
CA MET A 429 -35.21 -18.59 1.73
C MET A 429 -36.67 -18.99 1.78
N SER A 430 -37.05 -19.76 2.79
CA SER A 430 -38.42 -20.20 2.97
C SER A 430 -39.33 -19.04 3.37
N ALA A 431 -38.76 -17.93 3.83
CA ALA A 431 -39.57 -16.76 4.17
C ALA A 431 -39.34 -15.78 2.99
N LEU A 432 -38.54 -14.74 3.21
CA LEU A 432 -38.23 -13.75 2.16
C LEU A 432 -39.42 -13.00 1.56
N PHE B 6 36.89 -7.36 6.30
CA PHE B 6 35.47 -7.02 6.02
C PHE B 6 35.02 -7.90 4.84
N LYS B 7 34.37 -9.02 5.15
CA LYS B 7 33.96 -9.92 4.10
C LYS B 7 32.47 -9.83 3.80
N THR B 8 32.14 -9.90 2.50
CA THR B 8 30.76 -9.81 2.06
C THR B 8 30.41 -10.92 1.06
N ILE B 9 31.10 -12.04 1.14
CA ILE B 9 30.87 -13.19 0.25
C ILE B 9 29.39 -13.54 0.07
N LYS B 10 28.68 -13.72 1.20
CA LYS B 10 27.26 -14.09 1.17
C LYS B 10 26.37 -12.98 0.64
N SER B 11 26.61 -11.74 1.05
CA SER B 11 25.82 -10.63 0.55
C SER B 11 25.94 -10.58 -0.97
N ASP B 12 27.17 -10.76 -1.47
CA ASP B 12 27.47 -10.75 -2.89
C ASP B 12 26.77 -11.82 -3.71
N GLU B 13 26.77 -13.04 -3.20
CA GLU B 13 26.13 -14.12 -3.94
C GLU B 13 24.61 -14.01 -3.89
N ILE B 14 24.09 -13.56 -2.76
CA ILE B 14 22.65 -13.41 -2.60
C ILE B 14 22.10 -12.30 -3.52
N PHE B 15 22.75 -11.16 -3.54
CA PHE B 15 22.33 -10.04 -4.40
C PHE B 15 22.54 -10.41 -5.88
N ALA B 16 23.52 -11.25 -6.17
CA ALA B 16 23.78 -11.69 -7.53
C ALA B 16 22.61 -12.51 -8.03
N ALA B 17 22.23 -13.52 -7.26
CA ALA B 17 21.09 -14.36 -7.58
C ALA B 17 19.81 -13.48 -7.65
N ALA B 18 19.70 -12.50 -6.76
CA ALA B 18 18.54 -11.59 -6.71
C ALA B 18 18.23 -10.88 -8.00
N GLN B 19 19.27 -10.39 -8.68
CA GLN B 19 19.10 -9.65 -9.93
C GLN B 19 18.39 -10.40 -11.04
N LYS B 20 18.48 -11.73 -11.03
CA LYS B 20 17.82 -12.55 -12.06
C LYS B 20 16.33 -12.71 -11.77
N LEU B 21 15.90 -12.38 -10.54
CA LEU B 21 14.51 -12.55 -10.10
C LEU B 21 13.68 -11.27 -10.03
N MET B 22 14.31 -10.19 -9.59
CA MET B 22 13.59 -8.92 -9.43
C MET B 22 14.33 -7.80 -10.16
N PRO B 23 13.59 -6.75 -10.59
CA PRO B 23 14.13 -5.59 -11.31
C PRO B 23 15.28 -4.95 -10.56
N GLY B 24 16.50 -5.19 -11.04
CA GLY B 24 17.65 -4.63 -10.35
C GLY B 24 18.00 -5.38 -9.08
N GLY B 25 17.33 -6.51 -8.82
CA GLY B 25 17.58 -7.28 -7.63
C GLY B 25 17.11 -6.72 -6.28
N VAL B 26 16.22 -5.71 -6.29
CA VAL B 26 15.71 -5.12 -5.06
C VAL B 26 14.20 -4.80 -5.15
N SER B 27 13.59 -4.46 -4.01
CA SER B 27 12.15 -4.15 -3.98
C SER B 27 11.85 -2.66 -3.97
N SER B 28 12.90 -1.88 -3.81
CA SER B 28 12.81 -0.42 -3.80
C SER B 28 14.20 -0.05 -4.33
N PRO B 29 14.28 0.88 -5.30
CA PRO B 29 15.50 1.37 -5.95
C PRO B 29 16.71 1.72 -5.06
N VAL B 30 16.50 2.56 -4.05
CA VAL B 30 17.61 2.97 -3.20
C VAL B 30 18.44 1.87 -2.56
N ARG B 31 17.89 0.67 -2.48
CA ARG B 31 18.58 -0.45 -1.86
C ARG B 31 19.64 -1.07 -2.75
N ALA B 32 19.67 -0.66 -4.01
CA ALA B 32 20.64 -1.22 -4.94
C ALA B 32 22.06 -0.68 -4.73
N PHE B 33 22.19 0.42 -3.98
CA PHE B 33 23.49 1.05 -3.68
C PHE B 33 24.14 1.68 -4.92
N LYS B 34 23.32 1.91 -5.95
CA LYS B 34 23.80 2.45 -7.22
C LYS B 34 24.49 3.81 -7.20
N SER B 35 24.14 4.67 -6.25
CA SER B 35 24.80 5.97 -6.18
C SER B 35 25.89 5.98 -5.11
N VAL B 36 26.42 4.80 -4.79
CA VAL B 36 27.42 4.72 -3.73
C VAL B 36 28.33 3.50 -3.95
N GLY B 37 28.44 3.04 -5.18
CA GLY B 37 29.31 1.90 -5.43
C GLY B 37 28.64 0.72 -6.09
N GLY B 38 27.39 0.44 -5.73
CA GLY B 38 26.70 -0.68 -6.35
C GLY B 38 26.78 -2.03 -5.66
N GLN B 39 27.33 -2.08 -4.44
CA GLN B 39 27.40 -3.36 -3.74
C GLN B 39 26.70 -3.32 -2.38
N PRO B 40 25.38 -3.69 -2.34
CA PRO B 40 24.56 -3.71 -1.14
C PRO B 40 24.90 -4.87 -0.21
N ILE B 41 24.64 -4.71 1.08
CA ILE B 41 24.87 -5.83 1.99
C ILE B 41 23.47 -6.34 2.31
N VAL B 42 23.34 -7.65 2.43
CA VAL B 42 22.05 -8.27 2.74
C VAL B 42 21.91 -8.49 4.27
N PHE B 43 20.81 -8.00 4.85
CA PHE B 43 20.52 -8.14 6.27
C PHE B 43 19.91 -9.51 6.70
N ASP B 44 20.24 -9.95 7.91
CA ASP B 44 19.69 -11.20 8.44
C ASP B 44 18.76 -10.89 9.59
N ARG B 45 19.13 -9.94 10.45
CA ARG B 45 18.32 -9.56 11.60
C ARG B 45 18.67 -8.16 12.08
N VAL B 46 17.77 -7.56 12.85
CA VAL B 46 17.98 -6.23 13.40
C VAL B 46 17.57 -6.25 14.87
N LYS B 47 18.28 -5.52 15.72
CA LYS B 47 17.92 -5.49 17.14
C LYS B 47 18.40 -4.19 17.77
N ASP B 48 17.50 -3.53 18.48
CA ASP B 48 17.79 -2.26 19.14
C ASP B 48 18.32 -1.23 18.16
N ALA B 49 19.60 -0.88 18.25
CA ALA B 49 20.19 0.10 17.35
C ALA B 49 21.15 -0.51 16.33
N TYR B 50 21.17 -1.84 16.25
CA TYR B 50 22.10 -2.53 15.37
C TYR B 50 21.47 -3.36 14.25
N ALA B 51 22.32 -3.86 13.36
CA ALA B 51 21.87 -4.66 12.24
C ALA B 51 22.93 -5.71 11.99
N TRP B 52 22.53 -6.87 11.52
CA TRP B 52 23.48 -7.93 11.23
C TRP B 52 23.44 -8.35 9.77
N ASP B 53 24.60 -8.77 9.31
CA ASP B 53 24.90 -9.21 7.96
C ASP B 53 24.67 -10.69 7.78
N VAL B 54 24.53 -11.09 6.53
CA VAL B 54 24.40 -12.49 6.21
C VAL B 54 25.83 -13.08 6.35
N ASP B 55 26.79 -12.20 6.69
CA ASP B 55 28.19 -12.63 6.87
C ASP B 55 28.65 -12.62 8.32
N GLY B 56 27.79 -12.10 9.20
CA GLY B 56 28.11 -12.04 10.61
C GLY B 56 28.49 -10.66 11.11
N ASN B 57 28.68 -9.73 10.19
CA ASN B 57 29.06 -8.39 10.58
C ASN B 57 27.91 -7.66 11.23
N ARG B 58 28.22 -6.85 12.23
CA ARG B 58 27.23 -6.10 12.96
C ARG B 58 27.51 -4.63 12.68
N TYR B 59 26.44 -3.85 12.53
CA TYR B 59 26.57 -2.42 12.26
C TYR B 59 25.70 -1.63 13.19
N ILE B 60 26.08 -0.37 13.39
CA ILE B 60 25.26 0.52 14.18
C ILE B 60 24.42 1.18 13.07
N ASP B 61 23.12 1.00 13.17
CA ASP B 61 22.18 1.48 12.18
C ASP B 61 21.70 2.91 12.32
N TYR B 62 21.76 3.66 11.22
CA TYR B 62 21.32 5.06 11.16
C TYR B 62 20.23 5.28 10.11
N VAL B 63 19.89 4.19 9.44
CA VAL B 63 18.85 4.17 8.43
C VAL B 63 17.53 3.90 9.19
N GLY B 64 17.57 2.95 10.12
CA GLY B 64 16.38 2.64 10.93
C GLY B 64 15.18 2.26 10.08
N THR B 65 15.44 1.41 9.08
CA THR B 65 14.44 0.93 8.12
C THR B 65 13.64 2.05 7.46
N TRP B 66 14.31 3.19 7.29
CA TRP B 66 13.79 4.40 6.64
C TRP B 66 12.69 5.15 7.40
N GLY B 67 12.81 5.14 8.72
CA GLY B 67 11.85 5.86 9.55
C GLY B 67 11.13 5.08 10.64
N PRO B 68 10.55 3.92 10.33
CA PRO B 68 9.83 3.13 11.32
C PRO B 68 10.46 2.84 12.69
N ALA B 69 11.72 2.44 12.75
CA ALA B 69 12.31 2.07 14.03
C ALA B 69 12.72 3.15 15.06
N ILE B 70 11.91 4.21 15.22
CA ILE B 70 12.25 5.25 16.22
C ILE B 70 12.38 4.70 17.65
N CYS B 71 11.73 3.57 17.92
CA CYS B 71 11.75 2.95 19.25
C CYS B 71 12.88 1.94 19.31
N GLY B 72 13.55 1.72 18.19
CA GLY B 72 14.62 0.74 18.15
C GLY B 72 14.10 -0.52 17.47
N HIS B 73 14.96 -1.23 16.76
CA HIS B 73 14.52 -2.44 16.10
C HIS B 73 14.08 -3.50 17.09
N ALA B 74 13.06 -4.26 16.69
CA ALA B 74 12.50 -5.35 17.49
C ALA B 74 12.30 -4.99 18.95
N HIS B 75 11.55 -3.93 19.20
CA HIS B 75 11.31 -3.57 20.58
C HIS B 75 10.56 -4.73 21.23
N PRO B 76 11.03 -5.18 22.41
CA PRO B 76 10.45 -6.29 23.16
C PRO B 76 8.97 -6.15 23.41
N GLU B 77 8.56 -4.94 23.79
CA GLU B 77 7.16 -4.70 24.07
C GLU B 77 6.30 -4.64 22.81
N VAL B 78 6.91 -4.35 21.67
CA VAL B 78 6.13 -4.31 20.44
C VAL B 78 5.93 -5.74 19.91
N ILE B 79 6.99 -6.53 19.82
CA ILE B 79 6.81 -7.88 19.30
C ILE B 79 6.00 -8.83 20.21
N GLU B 80 5.95 -8.54 21.50
CA GLU B 80 5.19 -9.34 22.45
C GLU B 80 3.70 -9.00 22.27
N ALA B 81 3.43 -7.72 22.05
CA ALA B 81 2.08 -7.26 21.83
C ALA B 81 1.57 -7.91 20.54
N LEU B 82 2.48 -8.07 19.56
CA LEU B 82 2.14 -8.69 18.29
C LEU B 82 2.00 -10.21 18.40
N LYS B 83 2.85 -10.85 19.20
CA LYS B 83 2.76 -12.30 19.38
C LYS B 83 1.40 -12.65 19.99
N VAL B 84 0.92 -11.79 20.89
CA VAL B 84 -0.37 -11.97 21.54
C VAL B 84 -1.51 -11.72 20.56
N ALA B 85 -1.43 -10.65 19.80
CA ALA B 85 -2.47 -10.34 18.84
C ALA B 85 -2.70 -11.42 17.79
N MET B 86 -1.64 -11.93 17.17
CA MET B 86 -1.86 -12.93 16.12
C MET B 86 -2.59 -14.22 16.46
N GLU B 87 -2.73 -14.57 17.74
CA GLU B 87 -3.45 -15.78 18.04
C GLU B 87 -4.96 -15.57 17.78
N LYS B 88 -5.35 -14.34 17.51
CA LYS B 88 -6.74 -14.01 17.22
C LYS B 88 -6.99 -13.77 15.72
N GLY B 89 -5.96 -14.00 14.89
CA GLY B 89 -6.06 -13.76 13.46
C GLY B 89 -5.39 -12.44 13.06
N THR B 90 -4.81 -12.38 11.86
CA THR B 90 -4.13 -11.16 11.42
C THR B 90 -4.97 -10.13 10.63
N SER B 91 -6.01 -10.59 9.96
CA SER B 91 -6.87 -9.72 9.14
C SER B 91 -8.30 -10.27 9.28
N PHE B 92 -9.26 -9.37 9.51
CA PHE B 92 -10.67 -9.73 9.70
C PHE B 92 -11.50 -9.42 8.47
N GLY B 93 -11.43 -8.17 8.01
CA GLY B 93 -12.20 -7.77 6.86
C GLY B 93 -13.44 -7.03 7.29
N ALA B 94 -13.63 -6.93 8.61
CA ALA B 94 -14.77 -6.20 9.17
C ALA B 94 -14.15 -5.31 10.21
N PRO B 95 -14.92 -4.39 10.78
CA PRO B 95 -14.36 -3.50 11.80
C PRO B 95 -13.86 -4.27 13.05
N CYS B 96 -12.96 -3.65 13.81
CA CYS B 96 -12.45 -4.25 15.04
C CYS B 96 -12.23 -3.08 16.01
N ALA B 97 -12.21 -3.33 17.32
CA ALA B 97 -12.05 -2.26 18.31
C ALA B 97 -10.75 -1.47 18.24
N LEU B 98 -9.66 -2.13 17.85
CA LEU B 98 -8.33 -1.53 17.73
C LEU B 98 -8.21 -0.33 16.77
N GLU B 99 -9.03 -0.31 15.71
CA GLU B 99 -9.06 0.81 14.75
C GLU B 99 -9.50 2.05 15.48
N ASN B 100 -10.50 1.88 16.33
CA ASN B 100 -11.05 2.95 17.14
C ASN B 100 -10.04 3.53 18.11
N VAL B 101 -9.23 2.67 18.74
CA VAL B 101 -8.25 3.21 19.68
C VAL B 101 -7.10 3.92 18.98
N LEU B 102 -6.52 3.33 17.95
CA LEU B 102 -5.43 3.98 17.23
C LEU B 102 -5.95 5.30 16.64
N ALA B 103 -7.16 5.27 16.10
CA ALA B 103 -7.75 6.47 15.51
C ALA B 103 -7.87 7.56 16.55
N GLU B 104 -8.38 7.25 17.73
CA GLU B 104 -8.51 8.27 18.77
C GLU B 104 -7.13 8.81 19.16
N MET B 105 -6.14 7.92 19.25
CA MET B 105 -4.78 8.31 19.60
C MET B 105 -4.22 9.30 18.58
N VAL B 106 -4.41 9.01 17.29
CA VAL B 106 -3.95 9.88 16.23
C VAL B 106 -4.64 11.26 16.25
N ASN B 107 -5.95 11.30 16.52
CA ASN B 107 -6.65 12.59 16.60
C ASN B 107 -6.06 13.44 17.70
N ASP B 108 -5.90 12.85 18.88
CA ASP B 108 -5.33 13.57 20.02
C ASP B 108 -3.91 14.02 19.75
N ALA B 109 -3.11 13.15 19.12
CA ALA B 109 -1.70 13.43 18.79
C ALA B 109 -1.45 14.58 17.80
N VAL B 110 -2.05 14.50 16.61
CA VAL B 110 -1.84 15.54 15.59
C VAL B 110 -2.95 16.59 15.44
N PRO B 111 -2.60 17.85 15.71
CA PRO B 111 -3.45 19.05 15.66
C PRO B 111 -4.53 19.08 14.61
N SER B 112 -4.12 19.13 13.35
CA SER B 112 -5.06 19.23 12.24
C SER B 112 -5.97 18.03 12.04
N ILE B 113 -5.61 16.89 12.60
CA ILE B 113 -6.46 15.72 12.39
C ILE B 113 -7.64 15.55 13.34
N GLU B 114 -8.84 15.77 12.79
CA GLU B 114 -10.11 15.64 13.50
C GLU B 114 -10.83 14.32 13.13
N MET B 115 -10.38 13.68 12.05
CA MET B 115 -10.96 12.43 11.56
C MET B 115 -9.84 11.75 10.73
N VAL B 116 -9.72 10.43 10.79
CA VAL B 116 -8.68 9.71 10.04
C VAL B 116 -9.20 8.57 9.19
N ARG B 117 -8.33 8.10 8.30
CA ARG B 117 -8.60 6.97 7.44
C ARG B 117 -7.24 6.30 7.30
N PHE B 118 -7.18 5.04 7.71
CA PHE B 118 -5.97 4.24 7.66
C PHE B 118 -5.89 3.60 6.28
N VAL B 119 -4.67 3.42 5.79
CA VAL B 119 -4.38 2.80 4.48
C VAL B 119 -3.14 1.95 4.73
N ASN B 120 -2.49 1.44 3.69
CA ASN B 120 -1.35 0.55 3.89
C ASN B 120 0.06 1.02 3.63
N SER B 121 0.20 2.29 3.27
CA SER B 121 1.52 2.86 3.00
C SER B 121 1.36 4.36 2.86
N GLY B 122 2.49 5.06 2.84
CA GLY B 122 2.47 6.50 2.68
C GLY B 122 2.03 6.87 1.27
N THR B 123 2.38 6.03 0.29
CA THR B 123 1.98 6.27 -1.10
C THR B 123 0.46 6.32 -1.18
N GLU B 124 -0.20 5.27 -0.68
CA GLU B 124 -1.67 5.24 -0.69
C GLU B 124 -2.27 6.48 -0.02
N ALA B 125 -1.71 6.90 1.11
CA ALA B 125 -2.21 8.10 1.80
C ALA B 125 -2.08 9.36 0.94
N CYS B 126 -0.99 9.50 0.20
CA CYS B 126 -0.77 10.66 -0.67
C CYS B 126 -1.68 10.62 -1.90
N MET B 127 -1.90 9.44 -2.49
CA MET B 127 -2.81 9.28 -3.66
C MET B 127 -4.17 9.82 -3.24
N ALA B 128 -4.60 9.38 -2.06
CA ALA B 128 -5.89 9.75 -1.50
C ALA B 128 -6.02 11.24 -1.16
N VAL B 129 -4.99 11.79 -0.52
CA VAL B 129 -5.04 13.20 -0.12
C VAL B 129 -5.09 14.16 -1.32
N LEU B 130 -4.40 13.83 -2.41
CA LEU B 130 -4.41 14.68 -3.62
C LEU B 130 -5.79 14.71 -4.21
N ARG B 131 -6.39 13.54 -4.33
CA ARG B 131 -7.74 13.39 -4.88
C ARG B 131 -8.73 14.13 -4.03
N LEU B 132 -8.59 14.01 -2.71
CA LEU B 132 -9.47 14.69 -1.77
C LEU B 132 -9.34 16.20 -1.86
N MET B 133 -8.11 16.72 -1.90
CA MET B 133 -7.95 18.16 -1.98
C MET B 133 -8.53 18.71 -3.29
N ARG B 134 -8.46 17.92 -4.37
CA ARG B 134 -9.05 18.33 -5.65
C ARG B 134 -10.58 18.25 -5.60
N ALA B 135 -11.10 17.20 -4.96
CA ALA B 135 -12.54 17.02 -4.85
C ALA B 135 -13.18 18.04 -3.93
N TYR B 136 -12.52 18.36 -2.84
CA TYR B 136 -13.07 19.33 -1.92
C TYR B 136 -13.16 20.71 -2.56
N THR B 137 -12.09 21.11 -3.26
CA THR B 137 -12.07 22.44 -3.87
C THR B 137 -12.77 22.51 -5.22
N GLY B 138 -12.64 21.45 -6.00
CA GLY B 138 -13.24 21.46 -7.33
C GLY B 138 -12.27 22.04 -8.36
N ARG B 139 -11.00 22.14 -7.99
CA ARG B 139 -9.97 22.65 -8.86
C ARG B 139 -9.01 21.53 -9.11
N ASP B 140 -8.24 21.63 -10.19
CA ASP B 140 -7.34 20.55 -10.53
C ASP B 140 -5.85 20.75 -10.32
N LYS B 141 -5.39 22.00 -10.27
CA LYS B 141 -3.97 22.29 -10.10
C LYS B 141 -3.50 22.09 -8.67
N ILE B 142 -2.30 21.53 -8.51
CA ILE B 142 -1.71 21.28 -7.21
C ILE B 142 -0.33 21.88 -7.27
N ILE B 143 0.15 22.49 -6.18
CA ILE B 143 1.49 23.04 -6.17
C ILE B 143 2.34 22.15 -5.26
N LYS B 144 3.41 21.63 -5.83
CA LYS B 144 4.36 20.74 -5.15
C LYS B 144 5.71 21.46 -5.20
N PHE B 145 6.72 20.91 -4.53
CA PHE B 145 8.05 21.50 -4.50
C PHE B 145 9.11 20.56 -5.01
N GLU B 146 10.13 21.10 -5.64
CA GLU B 146 11.26 20.33 -6.15
C GLU B 146 11.97 19.64 -4.99
N GLY B 147 12.18 18.33 -5.12
CA GLY B 147 12.86 17.62 -4.05
C GLY B 147 11.95 16.99 -3.02
N CYS B 148 10.65 17.24 -3.09
CA CYS B 148 9.73 16.61 -2.13
C CYS B 148 9.21 15.28 -2.71
N TYR B 149 9.32 14.19 -1.94
CA TYR B 149 8.81 12.88 -2.35
C TYR B 149 7.47 12.74 -1.69
N HIS B 150 6.46 12.33 -2.45
CA HIS B 150 5.12 12.14 -1.92
C HIS B 150 4.56 10.81 -2.44
N GLY B 151 5.42 9.79 -2.53
CA GLY B 151 4.99 8.49 -3.01
C GLY B 151 5.09 8.31 -4.52
N HIS B 152 5.32 7.06 -4.94
CA HIS B 152 5.43 6.76 -6.36
C HIS B 152 4.06 6.82 -7.04
N ALA B 153 3.53 8.03 -7.21
CA ALA B 153 2.24 8.22 -7.83
C ALA B 153 2.40 8.88 -9.20
N ASP B 154 1.36 8.81 -10.01
CA ASP B 154 1.38 9.39 -11.35
C ASP B 154 1.58 10.91 -11.35
N MET B 155 0.57 11.61 -10.85
CA MET B 155 0.58 13.07 -10.79
C MET B 155 1.81 13.71 -10.15
N PHE B 156 2.49 12.98 -9.27
CA PHE B 156 3.64 13.53 -8.58
C PHE B 156 5.05 13.12 -8.95
N LEU B 157 5.21 12.28 -9.96
CA LEU B 157 6.56 11.88 -10.36
C LEU B 157 7.18 12.98 -11.24
N VAL B 158 7.42 14.13 -10.62
CA VAL B 158 8.02 15.27 -11.30
C VAL B 158 8.88 16.03 -10.30
N LYS B 159 10.20 15.87 -10.43
CA LYS B 159 11.16 16.52 -9.53
C LYS B 159 10.88 16.11 -8.09
N ALA B 160 10.57 14.84 -7.89
CA ALA B 160 10.27 14.29 -6.57
C ALA B 160 11.52 14.02 -5.73
N GLY B 161 11.34 13.34 -4.61
CA GLY B 161 12.46 13.02 -3.73
C GLY B 161 12.87 11.56 -3.72
N SER B 162 13.43 11.15 -2.59
CA SER B 162 13.91 9.79 -2.36
C SER B 162 14.91 9.36 -3.44
N GLY B 163 14.55 8.35 -4.24
CA GLY B 163 15.45 7.90 -5.29
C GLY B 163 15.51 8.91 -6.41
N VAL B 164 14.41 9.61 -6.64
CA VAL B 164 14.35 10.63 -7.69
C VAL B 164 15.42 11.65 -7.34
N ALA B 165 15.32 12.19 -6.13
CA ALA B 165 16.29 13.15 -5.65
C ALA B 165 17.39 12.35 -4.96
N THR B 166 18.15 11.61 -5.77
CA THR B 166 19.25 10.77 -5.30
C THR B 166 20.08 10.33 -6.50
N LEU B 167 19.49 9.55 -7.38
CA LEU B 167 20.19 9.07 -8.56
C LEU B 167 19.87 9.88 -9.82
N GLY B 168 19.45 11.13 -9.60
CA GLY B 168 19.13 12.02 -10.69
C GLY B 168 17.94 11.65 -11.56
N LEU B 169 16.94 11.01 -10.98
CA LEU B 169 15.76 10.62 -11.74
C LEU B 169 14.91 11.87 -11.99
N PRO B 170 14.48 12.09 -13.25
CA PRO B 170 13.67 13.23 -13.64
C PRO B 170 12.16 13.08 -13.47
N SER B 171 11.40 13.62 -14.42
CA SER B 171 9.94 13.58 -14.42
C SER B 171 9.36 12.45 -15.25
N SER B 172 8.11 12.09 -14.98
CA SER B 172 7.35 11.06 -15.70
C SER B 172 7.31 9.56 -15.35
N PRO B 173 8.36 8.79 -15.66
CA PRO B 173 8.36 7.35 -15.38
C PRO B 173 7.00 6.64 -15.39
N GLY B 174 6.42 6.54 -16.58
CA GLY B 174 5.13 5.88 -16.73
C GLY B 174 3.94 6.81 -16.71
N VAL B 175 4.16 8.08 -16.35
CA VAL B 175 3.08 9.05 -16.30
C VAL B 175 3.19 10.03 -17.47
N PRO B 176 2.08 10.26 -18.18
CA PRO B 176 2.04 11.18 -19.33
C PRO B 176 2.04 12.65 -18.96
N LYS B 177 2.08 13.48 -19.99
CA LYS B 177 2.07 14.94 -19.85
C LYS B 177 0.65 15.35 -19.45
N LYS B 178 -0.27 14.39 -19.55
CA LYS B 178 -1.67 14.60 -19.22
C LYS B 178 -1.92 14.43 -17.73
N THR B 179 -0.91 13.92 -17.02
CA THR B 179 -1.02 13.75 -15.57
C THR B 179 -0.18 14.86 -14.94
N THR B 180 1.10 14.88 -15.27
CA THR B 180 2.02 15.89 -14.75
C THR B 180 1.90 17.24 -15.47
N ALA B 181 0.68 17.78 -15.45
CA ALA B 181 0.37 19.09 -16.07
C ALA B 181 -0.63 19.85 -15.19
N ASN B 182 -1.23 19.11 -14.25
CA ASN B 182 -2.16 19.66 -13.28
C ASN B 182 -1.36 19.88 -12.00
N THR B 183 -0.03 19.74 -12.10
CA THR B 183 0.86 19.93 -10.96
C THR B 183 1.95 20.98 -11.25
N LEU B 184 1.87 22.10 -10.54
CA LEU B 184 2.85 23.15 -10.71
C LEU B 184 4.01 22.85 -9.75
N THR B 185 5.23 23.23 -10.12
CA THR B 185 6.41 22.99 -9.27
C THR B 185 7.18 24.28 -8.99
N THR B 186 7.64 24.40 -7.76
CA THR B 186 8.39 25.57 -7.31
C THR B 186 9.57 25.11 -6.47
N PRO B 187 10.59 25.97 -6.29
CA PRO B 187 11.75 25.59 -5.48
C PRO B 187 11.41 25.64 -3.98
N TYR B 188 11.90 24.65 -3.25
CA TYR B 188 11.63 24.61 -1.83
C TYR B 188 12.13 25.93 -1.22
N ASN B 189 11.35 26.48 -0.30
CA ASN B 189 11.71 27.72 0.38
C ASN B 189 11.52 28.99 -0.44
N ASP B 190 11.02 28.87 -1.66
CA ASP B 190 10.82 30.08 -2.45
C ASP B 190 9.39 30.59 -2.32
N LEU B 191 9.14 31.32 -1.24
CA LEU B 191 7.82 31.87 -0.97
C LEU B 191 7.27 32.73 -2.14
N GLU B 192 8.17 33.44 -2.83
CA GLU B 192 7.80 34.31 -3.95
C GLU B 192 7.34 33.54 -5.19
N ALA B 193 7.98 32.40 -5.46
CA ALA B 193 7.64 31.56 -6.61
C ALA B 193 6.25 30.97 -6.49
N VAL B 194 5.84 30.73 -5.24
CA VAL B 194 4.52 30.19 -4.95
C VAL B 194 3.49 31.27 -5.28
N LYS B 195 3.71 32.48 -4.74
CA LYS B 195 2.81 33.62 -4.99
C LYS B 195 2.61 33.84 -6.50
N ALA B 196 3.69 33.71 -7.25
CA ALA B 196 3.68 33.85 -8.70
C ALA B 196 2.69 32.86 -9.32
N LEU B 197 2.86 31.56 -9.00
CA LEU B 197 1.98 30.50 -9.51
C LEU B 197 0.48 30.71 -9.20
N PHE B 198 0.17 31.37 -8.07
CA PHE B 198 -1.22 31.65 -7.67
C PHE B 198 -1.78 32.81 -8.50
N ALA B 199 -0.94 33.80 -8.79
CA ALA B 199 -1.34 34.95 -9.57
C ALA B 199 -1.37 34.60 -11.06
N GLU B 200 -0.53 33.64 -11.43
CA GLU B 200 -0.39 33.17 -12.80
C GLU B 200 -1.48 32.13 -13.20
N ASN B 201 -2.06 31.45 -12.21
CA ASN B 201 -3.13 30.46 -12.44
C ASN B 201 -4.21 30.78 -11.40
N PRO B 202 -4.90 31.93 -11.53
CA PRO B 202 -5.94 32.29 -10.56
C PRO B 202 -7.24 31.47 -10.63
N GLY B 203 -7.80 31.16 -9.47
CA GLY B 203 -9.03 30.40 -9.38
C GLY B 203 -8.95 28.94 -9.81
N GLU B 204 -7.74 28.37 -9.87
CA GLU B 204 -7.59 26.98 -10.28
C GLU B 204 -6.57 26.08 -9.54
N ILE B 205 -6.04 26.58 -8.41
CA ILE B 205 -5.08 25.87 -7.57
C ILE B 205 -5.90 25.24 -6.44
N ALA B 206 -5.85 23.91 -6.30
CA ALA B 206 -6.58 23.21 -5.24
C ALA B 206 -5.83 23.43 -3.92
N GLY B 207 -4.51 23.42 -3.97
CA GLY B 207 -3.72 23.64 -2.78
C GLY B 207 -2.25 23.33 -2.97
N VAL B 208 -1.51 23.42 -1.86
CA VAL B 208 -0.07 23.18 -1.83
C VAL B 208 0.19 21.99 -0.91
N ILE B 209 1.16 21.16 -1.27
CA ILE B 209 1.52 20.02 -0.46
C ILE B 209 3.03 20.01 -0.38
N LEU B 210 3.56 19.72 0.81
CA LEU B 210 5.00 19.67 0.99
C LEU B 210 5.36 18.91 2.25
N GLU B 211 6.64 18.56 2.36
CA GLU B 211 7.18 17.89 3.55
C GLU B 211 7.54 19.11 4.38
N PRO B 212 6.91 19.31 5.56
CA PRO B 212 7.22 20.48 6.41
C PRO B 212 8.71 20.60 6.71
N ILE B 213 9.41 19.48 6.65
CA ILE B 213 10.85 19.45 6.84
C ILE B 213 11.21 18.34 5.88
N VAL B 214 12.12 18.62 4.95
CA VAL B 214 12.45 17.65 3.95
C VAL B 214 13.55 16.67 4.34
N GLY B 215 13.31 15.40 4.03
CA GLY B 215 14.27 14.37 4.33
C GLY B 215 14.60 13.53 3.13
N ASN B 216 13.87 13.76 2.04
CA ASN B 216 14.06 13.04 0.78
C ASN B 216 14.98 13.67 -0.29
N SER B 217 15.65 14.77 0.07
CA SER B 217 16.63 15.50 -0.77
C SER B 217 17.72 15.85 0.27
N GLY B 218 17.85 14.99 1.26
CA GLY B 218 18.77 15.27 2.35
C GLY B 218 17.90 16.03 3.33
N PHE B 219 18.46 16.37 4.49
CA PHE B 219 17.74 17.10 5.52
C PHE B 219 17.75 18.60 5.19
N ILE B 220 16.59 19.18 4.95
CA ILE B 220 16.50 20.61 4.63
C ILE B 220 15.39 21.21 5.49
N VAL B 221 15.75 22.21 6.30
CA VAL B 221 14.79 22.85 7.19
C VAL B 221 14.18 24.07 6.50
N PRO B 222 12.93 24.43 6.82
CA PRO B 222 12.32 25.59 6.18
C PRO B 222 12.87 26.91 6.79
N ASP B 223 12.87 27.97 6.00
CA ASP B 223 13.38 29.25 6.48
C ASP B 223 12.41 30.01 7.36
N ALA B 224 12.97 30.99 8.09
CA ALA B 224 12.26 31.87 9.02
C ALA B 224 10.74 31.89 8.97
N GLY B 225 10.16 32.39 7.89
CA GLY B 225 8.71 32.45 7.85
C GLY B 225 8.07 31.79 6.65
N PHE B 226 8.65 30.69 6.20
CA PHE B 226 8.14 29.98 5.04
C PHE B 226 6.79 29.30 5.26
N LEU B 227 6.72 28.36 6.20
CA LEU B 227 5.47 27.63 6.47
C LEU B 227 4.35 28.61 6.81
N GLU B 228 4.68 29.63 7.60
CA GLU B 228 3.70 30.64 7.97
C GLU B 228 3.20 31.37 6.72
N GLY B 229 4.10 31.57 5.77
CA GLY B 229 3.75 32.23 4.53
C GLY B 229 2.74 31.38 3.79
N LEU B 230 3.07 30.10 3.61
CA LEU B 230 2.19 29.15 2.91
C LEU B 230 0.79 29.08 3.51
N ARG B 231 0.70 29.01 4.84
CA ARG B 231 -0.60 28.97 5.48
C ARG B 231 -1.44 30.21 5.13
N GLU B 232 -0.82 31.39 5.16
CA GLU B 232 -1.56 32.61 4.87
C GLU B 232 -1.98 32.73 3.41
N ILE B 233 -1.06 32.48 2.49
CA ILE B 233 -1.39 32.61 1.08
C ILE B 233 -2.50 31.66 0.62
N THR B 234 -2.45 30.40 1.04
CA THR B 234 -3.47 29.43 0.65
C THR B 234 -4.83 29.88 1.21
N LEU B 235 -4.81 30.39 2.44
CA LEU B 235 -6.03 30.90 3.05
C LEU B 235 -6.68 31.96 2.18
N GLU B 236 -5.90 32.98 1.82
CA GLU B 236 -6.40 34.10 1.02
C GLU B 236 -7.01 33.69 -0.31
N HIS B 237 -6.64 32.50 -0.79
CA HIS B 237 -7.15 32.00 -2.06
C HIS B 237 -8.13 30.84 -1.96
N ASP B 238 -8.50 30.49 -0.73
CA ASP B 238 -9.43 29.39 -0.48
C ASP B 238 -8.85 28.08 -1.00
N ALA B 239 -7.56 27.90 -0.78
CA ALA B 239 -6.82 26.70 -1.19
C ALA B 239 -6.40 25.94 0.08
N LEU B 240 -6.22 24.63 -0.05
CA LEU B 240 -5.85 23.79 1.09
C LEU B 240 -4.34 23.62 1.26
N LEU B 241 -3.88 23.65 2.51
CA LEU B 241 -2.45 23.45 2.81
C LEU B 241 -2.32 22.02 3.35
N VAL B 242 -1.52 21.20 2.68
CA VAL B 242 -1.36 19.84 3.12
C VAL B 242 0.08 19.52 3.50
N PHE B 243 0.26 18.96 4.69
CA PHE B 243 1.58 18.59 5.18
C PHE B 243 1.77 17.09 5.02
N ASP B 244 2.78 16.69 4.26
CA ASP B 244 3.07 15.28 4.11
C ASP B 244 4.04 14.98 5.26
N GLU B 245 3.50 14.47 6.37
CA GLU B 245 4.31 14.14 7.54
C GLU B 245 4.55 12.64 7.67
N VAL B 246 4.54 11.93 6.54
CA VAL B 246 4.78 10.49 6.51
C VAL B 246 6.15 10.17 7.13
N MET B 247 7.10 11.09 7.02
CA MET B 247 8.43 10.87 7.59
C MET B 247 8.65 11.70 8.85
N THR B 248 8.13 12.93 8.87
CA THR B 248 8.33 13.81 10.02
C THR B 248 7.44 13.47 11.22
N GLY B 249 6.23 12.98 10.93
CA GLY B 249 5.26 12.65 11.95
C GLY B 249 5.77 11.68 13.00
N PHE B 250 5.55 12.02 14.27
CA PHE B 250 6.00 11.22 15.42
C PHE B 250 7.52 11.16 15.61
N ARG B 251 8.29 11.87 14.77
CA ARG B 251 9.74 11.87 14.90
C ARG B 251 10.24 13.24 15.34
N ILE B 252 9.84 14.28 14.62
CA ILE B 252 10.24 15.63 14.95
C ILE B 252 9.60 16.01 16.29
N ALA B 253 8.39 15.51 16.50
CA ALA B 253 7.63 15.75 17.72
C ALA B 253 6.51 14.72 17.73
N TYR B 254 5.75 14.65 18.81
CA TYR B 254 4.64 13.70 18.88
C TYR B 254 3.55 14.10 17.87
N GLY B 255 3.34 15.40 17.72
CA GLY B 255 2.35 15.92 16.77
C GLY B 255 3.00 16.42 15.49
N GLY B 256 4.24 15.98 15.26
CA GLY B 256 4.97 16.36 14.05
C GLY B 256 5.43 17.80 13.97
N VAL B 257 5.84 18.21 12.78
CA VAL B 257 6.31 19.57 12.53
C VAL B 257 5.23 20.61 12.82
N GLN B 258 3.96 20.29 12.55
CA GLN B 258 2.87 21.22 12.81
C GLN B 258 2.77 21.62 14.28
N GLU B 259 3.10 20.68 15.16
CA GLU B 259 3.05 20.95 16.59
C GLU B 259 4.30 21.74 17.01
N LYS B 260 5.46 21.27 16.57
CA LYS B 260 6.73 21.89 16.89
C LYS B 260 6.84 23.35 16.46
N PHE B 261 6.35 23.68 15.26
CA PHE B 261 6.44 25.04 14.73
C PHE B 261 5.15 25.81 14.72
N GLY B 262 4.10 25.23 15.28
CA GLY B 262 2.84 25.94 15.37
C GLY B 262 2.10 26.38 14.13
N VAL B 263 2.30 25.68 13.02
CA VAL B 263 1.55 26.03 11.81
C VAL B 263 0.65 24.83 11.55
N THR B 264 -0.67 25.07 11.53
CA THR B 264 -1.67 24.01 11.33
C THR B 264 -2.23 23.87 9.90
N PRO B 265 -1.95 22.75 9.20
CA PRO B 265 -2.45 22.56 7.82
C PRO B 265 -3.92 22.14 7.85
N ASP B 266 -4.51 21.91 6.68
CA ASP B 266 -5.90 21.49 6.61
C ASP B 266 -6.02 19.95 6.56
N LEU B 267 -4.96 19.29 6.11
CA LEU B 267 -4.92 17.82 5.99
C LEU B 267 -3.47 17.41 6.14
N THR B 268 -3.22 16.21 6.65
CA THR B 268 -1.86 15.74 6.77
C THR B 268 -1.83 14.27 6.41
N THR B 269 -0.66 13.74 6.09
CA THR B 269 -0.52 12.34 5.78
C THR B 269 0.57 11.79 6.70
N LEU B 270 0.34 10.57 7.19
CA LEU B 270 1.25 9.91 8.11
C LEU B 270 1.53 8.51 7.56
N GLY B 271 2.62 7.90 8.01
CA GLY B 271 2.95 6.58 7.53
C GLY B 271 4.14 6.18 8.34
N LYS B 272 4.90 5.31 7.86
CA LYS B 272 6.08 4.85 8.55
C LYS B 272 5.99 4.56 10.04
N ILE B 273 6.23 5.52 10.93
CA ILE B 273 6.29 5.22 12.36
C ILE B 273 4.92 4.74 12.90
N ILE B 274 3.84 5.22 12.28
CA ILE B 274 2.49 4.87 12.72
C ILE B 274 2.16 3.39 12.58
N GLY B 275 2.97 2.65 11.85
CA GLY B 275 2.74 1.22 11.70
C GLY B 275 3.74 0.43 12.55
N GLY B 276 4.58 1.16 13.28
CA GLY B 276 5.56 0.53 14.14
C GLY B 276 6.50 -0.50 13.54
N GLY B 277 6.54 -0.63 12.21
CA GLY B 277 7.41 -1.62 11.58
C GLY B 277 6.65 -2.51 10.63
N LEU B 278 5.36 -2.20 10.50
CA LEU B 278 4.45 -2.92 9.63
C LEU B 278 3.89 -1.96 8.57
N PRO B 279 3.39 -2.48 7.44
CA PRO B 279 2.80 -1.64 6.36
C PRO B 279 1.52 -0.91 6.77
N VAL B 280 1.63 0.36 7.12
CA VAL B 280 0.48 1.14 7.55
C VAL B 280 0.70 2.59 7.19
N GLY B 281 -0.40 3.29 6.91
CA GLY B 281 -0.32 4.70 6.59
C GLY B 281 -1.64 5.32 6.99
N ALA B 282 -1.79 6.65 6.91
CA ALA B 282 -3.04 7.30 7.25
C ALA B 282 -3.13 8.69 6.67
N TYR B 283 -4.35 9.18 6.53
CA TYR B 283 -4.58 10.54 6.06
C TYR B 283 -5.77 11.10 6.84
N GLY B 284 -5.63 12.31 7.34
CA GLY B 284 -6.71 12.91 8.10
C GLY B 284 -6.58 14.41 8.05
N GLY B 285 -7.56 15.11 8.61
CA GLY B 285 -7.52 16.56 8.62
C GLY B 285 -8.84 17.05 9.15
N LYS B 286 -9.29 18.21 8.67
CA LYS B 286 -10.55 18.78 9.11
C LYS B 286 -11.75 17.85 8.80
N ARG B 287 -12.70 17.80 9.72
CA ARG B 287 -13.91 17.00 9.61
C ARG B 287 -14.71 17.21 8.30
N GLU B 288 -15.06 18.45 8.00
CA GLU B 288 -15.83 18.76 6.79
C GLU B 288 -15.21 18.27 5.49
N ILE B 289 -13.89 18.16 5.46
CA ILE B 289 -13.22 17.69 4.28
C ILE B 289 -13.28 16.16 4.26
N MET B 290 -12.95 15.50 5.37
CA MET B 290 -12.97 14.03 5.42
C MET B 290 -14.36 13.43 5.16
N GLN B 291 -15.39 14.23 5.39
CA GLN B 291 -16.76 13.81 5.17
C GLN B 291 -17.03 13.42 3.72
N LEU B 292 -16.12 13.75 2.80
CA LEU B 292 -16.31 13.40 1.38
C LEU B 292 -15.77 12.04 1.02
N VAL B 293 -15.11 11.39 1.98
CA VAL B 293 -14.54 10.06 1.76
C VAL B 293 -15.58 8.94 1.95
N ALA B 294 -15.67 8.04 0.97
CA ALA B 294 -16.60 6.93 1.02
C ALA B 294 -16.31 6.09 2.26
N PRO B 295 -17.36 5.49 2.86
CA PRO B 295 -18.76 5.57 2.43
C PRO B 295 -19.55 6.82 2.87
N ALA B 296 -18.91 7.71 3.63
CA ALA B 296 -19.57 8.91 4.12
C ALA B 296 -19.78 9.93 2.99
N GLY B 297 -19.02 9.76 1.91
CA GLY B 297 -19.09 10.68 0.77
C GLY B 297 -18.88 10.03 -0.58
N PRO B 298 -18.83 10.81 -1.67
CA PRO B 298 -18.63 10.36 -3.05
C PRO B 298 -17.21 10.02 -3.46
N MET B 299 -16.20 10.55 -2.77
CA MET B 299 -14.84 10.24 -3.18
C MET B 299 -14.47 8.84 -2.77
N TYR B 300 -14.09 8.03 -3.75
CA TYR B 300 -13.73 6.65 -3.48
C TYR B 300 -12.25 6.44 -3.15
N GLN B 301 -12.00 5.59 -2.15
CA GLN B 301 -10.68 5.20 -1.67
C GLN B 301 -10.94 3.97 -0.79
N ALA B 302 -10.27 2.87 -1.09
CA ALA B 302 -10.48 1.63 -0.34
C ALA B 302 -9.18 0.89 -0.09
N GLY B 303 -9.25 -0.28 0.56
CA GLY B 303 -8.06 -1.05 0.83
C GLY B 303 -8.37 -2.29 1.65
N THR B 304 -8.15 -3.46 1.06
CA THR B 304 -8.43 -4.74 1.69
C THR B 304 -7.78 -4.92 3.05
N LEU B 305 -6.49 -4.65 3.16
CA LEU B 305 -5.81 -4.82 4.42
C LEU B 305 -5.76 -3.64 5.34
N SER B 306 -6.52 -2.60 5.04
CA SER B 306 -6.51 -1.40 5.86
C SER B 306 -7.19 -1.64 7.22
N GLY B 307 -6.59 -1.13 8.29
CA GLY B 307 -7.13 -1.27 9.63
C GLY B 307 -7.00 -2.65 10.26
N ASN B 308 -6.22 -3.52 9.63
CA ASN B 308 -6.04 -4.86 10.18
C ASN B 308 -5.45 -4.79 11.59
N PRO B 309 -5.95 -5.63 12.52
CA PRO B 309 -5.51 -5.68 13.91
C PRO B 309 -4.00 -5.80 14.15
N LEU B 310 -3.28 -6.57 13.35
CA LEU B 310 -1.84 -6.69 13.57
C LEU B 310 -1.20 -5.32 13.42
N ALA B 311 -1.67 -4.59 12.42
CA ALA B 311 -1.14 -3.26 12.18
C ALA B 311 -1.55 -2.31 13.28
N MET B 312 -2.83 -2.31 13.65
CA MET B 312 -3.32 -1.42 14.69
C MET B 312 -2.58 -1.68 16.02
N THR B 313 -2.26 -2.94 16.29
CA THR B 313 -1.52 -3.32 17.51
C THR B 313 -0.14 -2.67 17.52
N ALA B 314 0.65 -2.90 16.47
CA ALA B 314 1.99 -2.32 16.34
C ALA B 314 1.92 -0.80 16.43
N GLY B 315 0.87 -0.21 15.88
CA GLY B 315 0.69 1.24 15.87
C GLY B 315 0.48 1.79 17.26
N ILE B 316 -0.45 1.17 17.97
CA ILE B 316 -0.77 1.57 19.34
C ILE B 316 0.43 1.40 20.28
N LYS B 317 1.11 0.26 20.21
CA LYS B 317 2.25 0.06 21.11
C LYS B 317 3.36 1.08 20.85
N THR B 318 3.61 1.38 19.58
CA THR B 318 4.63 2.36 19.22
C THR B 318 4.28 3.76 19.80
N LEU B 319 3.02 4.17 19.76
CA LEU B 319 2.65 5.48 20.31
C LEU B 319 2.67 5.51 21.83
N GLU B 320 2.38 4.40 22.50
CA GLU B 320 2.41 4.37 23.95
C GLU B 320 3.84 4.59 24.41
N LEU B 321 4.78 3.97 23.70
CA LEU B 321 6.21 4.07 24.01
C LEU B 321 6.78 5.47 23.78
N LEU B 322 6.25 6.21 22.80
CA LEU B 322 6.73 7.56 22.50
C LEU B 322 6.10 8.59 23.43
N ARG B 323 4.95 8.25 23.99
CA ARG B 323 4.25 9.15 24.89
C ARG B 323 4.89 9.18 26.28
N GLN B 324 5.87 8.30 26.51
CA GLN B 324 6.58 8.23 27.80
C GLN B 324 7.44 9.49 28.03
N PRO B 325 7.85 9.74 29.28
CA PRO B 325 8.67 10.92 29.66
C PRO B 325 10.06 11.02 29.06
N GLY B 326 10.38 12.21 28.55
CA GLY B 326 11.68 12.48 27.97
C GLY B 326 12.10 11.72 26.72
N THR B 327 11.15 11.40 25.87
CA THR B 327 11.41 10.67 24.64
C THR B 327 12.13 11.54 23.61
N TYR B 328 11.49 12.64 23.23
CA TYR B 328 12.07 13.54 22.23
C TYR B 328 13.28 14.30 22.77
N GLU B 329 13.31 14.55 24.08
CA GLU B 329 14.44 15.23 24.70
C GLU B 329 15.67 14.35 24.50
N TYR B 330 15.52 13.04 24.71
CA TYR B 330 16.62 12.12 24.52
C TYR B 330 17.09 12.09 23.06
N LEU B 331 16.15 12.13 22.12
CA LEU B 331 16.50 12.12 20.69
C LEU B 331 17.23 13.40 20.30
N ASP B 332 16.74 14.54 20.77
CA ASP B 332 17.38 15.79 20.44
C ASP B 332 18.77 15.81 21.04
N GLN B 333 18.91 15.27 22.24
CA GLN B 333 20.20 15.24 22.92
C GLN B 333 21.24 14.39 22.18
N ILE B 334 20.97 13.10 21.94
CA ILE B 334 21.99 12.29 21.25
C ILE B 334 22.17 12.68 19.78
N THR B 335 21.13 13.17 19.14
CA THR B 335 21.26 13.54 17.74
C THR B 335 22.07 14.83 17.55
N LYS B 336 22.01 15.73 18.54
CA LYS B 336 22.77 16.99 18.47
C LYS B 336 24.27 16.68 18.62
N ARG B 337 24.59 15.76 19.51
CA ARG B 337 25.98 15.38 19.73
C ARG B 337 26.58 14.71 18.50
N LEU B 338 25.82 13.86 17.84
CA LEU B 338 26.29 13.14 16.65
C LEU B 338 26.44 14.11 15.45
N SER B 339 25.48 15.01 15.28
CA SER B 339 25.50 15.99 14.20
C SER B 339 26.69 16.97 14.35
N ASP B 340 26.73 17.67 15.48
CA ASP B 340 27.82 18.61 15.79
C ASP B 340 29.18 17.91 15.69
N GLY B 341 29.24 16.67 16.17
CA GLY B 341 30.46 15.88 16.13
C GLY B 341 30.92 15.57 14.72
N LEU B 342 29.96 15.32 13.83
CA LEU B 342 30.30 15.05 12.45
C LEU B 342 30.84 16.32 11.80
N LEU B 343 30.14 17.45 11.98
CA LEU B 343 30.60 18.72 11.41
C LEU B 343 31.98 19.17 11.95
N ALA B 344 32.25 18.87 13.22
CA ALA B 344 33.55 19.22 13.82
C ALA B 344 34.65 18.38 13.16
N ILE B 345 34.46 17.07 13.10
CA ILE B 345 35.46 16.18 12.50
C ILE B 345 35.74 16.59 11.05
N ALA B 346 34.71 17.05 10.33
CA ALA B 346 34.86 17.47 8.94
C ALA B 346 35.75 18.71 8.85
N GLN B 347 35.51 19.67 9.75
CA GLN B 347 36.28 20.90 9.79
C GLN B 347 37.74 20.64 10.11
N GLU B 348 38.02 19.79 11.10
CA GLU B 348 39.40 19.53 11.45
C GLU B 348 40.17 18.66 10.44
N THR B 349 39.47 18.01 9.52
CA THR B 349 40.15 17.18 8.52
C THR B 349 40.23 17.84 7.15
N GLY B 350 39.74 19.08 7.08
CA GLY B 350 39.78 19.85 5.84
C GLY B 350 38.65 19.64 4.87
N HIS B 351 37.58 19.01 5.31
CA HIS B 351 36.46 18.77 4.42
C HIS B 351 35.33 19.76 4.59
N ALA B 352 34.89 20.31 3.48
CA ALA B 352 33.79 21.27 3.48
C ALA B 352 32.50 20.48 3.70
N ALA B 353 31.66 20.95 4.63
CA ALA B 353 30.41 20.25 4.94
C ALA B 353 29.44 21.15 5.70
N CYS B 354 28.18 20.74 5.74
CA CYS B 354 27.12 21.46 6.46
C CYS B 354 26.03 20.44 6.78
N GLY B 355 25.23 20.72 7.80
CA GLY B 355 24.18 19.80 8.16
C GLY B 355 23.33 20.34 9.27
N GLY B 356 22.82 19.46 10.10
CA GLY B 356 21.99 19.92 11.19
C GLY B 356 21.04 18.82 11.62
N GLN B 357 20.22 19.13 12.61
CA GLN B 357 19.27 18.16 13.11
C GLN B 357 18.19 18.84 13.91
N VAL B 358 17.04 18.17 13.98
CA VAL B 358 15.90 18.61 14.76
C VAL B 358 15.36 17.29 15.28
N SER B 359 15.51 17.08 16.58
CA SER B 359 15.06 15.85 17.20
C SER B 359 15.84 14.67 16.64
N GLY B 360 15.16 13.57 16.32
CA GLY B 360 15.87 12.39 15.83
C GLY B 360 16.07 12.28 14.33
N MET B 361 16.20 13.41 13.66
CA MET B 361 16.38 13.46 12.21
C MET B 361 17.52 14.42 11.92
N PHE B 362 18.54 13.95 11.20
CA PHE B 362 19.68 14.80 10.88
C PHE B 362 20.10 14.80 9.40
N GLY B 363 21.05 15.65 9.07
CA GLY B 363 21.53 15.70 7.70
C GLY B 363 22.98 16.14 7.71
N PHE B 364 23.73 15.69 6.72
CA PHE B 364 25.14 16.02 6.62
C PHE B 364 25.46 16.00 5.12
N PHE B 365 25.88 17.15 4.58
CA PHE B 365 26.22 17.28 3.14
C PHE B 365 27.70 17.64 2.91
N PHE B 366 28.32 17.11 1.86
CA PHE B 366 29.71 17.43 1.52
C PHE B 366 29.84 18.68 0.61
N THR B 367 29.44 19.83 1.14
CA THR B 367 29.49 21.15 0.47
C THR B 367 29.35 22.21 1.58
N GLU B 368 30.00 23.35 1.44
CA GLU B 368 29.92 24.38 2.49
C GLU B 368 28.51 24.93 2.67
N GLY B 369 27.69 24.78 1.65
CA GLY B 369 26.31 25.24 1.73
C GLY B 369 26.20 26.72 1.96
N PRO B 370 25.16 27.21 2.68
CA PRO B 370 24.07 26.45 3.31
C PRO B 370 23.04 25.88 2.32
N VAL B 371 22.45 24.73 2.66
CA VAL B 371 21.43 24.11 1.80
C VAL B 371 20.04 24.67 2.14
N HIS B 372 19.38 25.25 1.14
CA HIS B 372 18.04 25.85 1.29
C HIS B 372 17.04 25.17 0.35
N ASN B 373 17.56 24.42 -0.61
CA ASN B 373 16.72 23.75 -1.60
C ASN B 373 17.48 22.66 -2.31
N TYR B 374 16.79 21.99 -3.22
CA TYR B 374 17.36 20.88 -3.96
C TYR B 374 18.59 21.23 -4.76
N GLU B 375 18.59 22.39 -5.43
CA GLU B 375 19.73 22.82 -6.22
C GLU B 375 20.97 22.94 -5.34
N ASP B 376 20.80 23.54 -4.15
CA ASP B 376 21.89 23.71 -3.20
C ASP B 376 22.40 22.34 -2.83
N ALA B 377 21.45 21.46 -2.52
CA ALA B 377 21.79 20.10 -2.14
C ALA B 377 22.64 19.44 -3.22
N LYS B 378 22.32 19.77 -4.48
CA LYS B 378 23.02 19.19 -5.63
C LYS B 378 24.49 19.54 -5.82
N LYS B 379 24.96 20.58 -5.14
CA LYS B 379 26.35 20.99 -5.25
C LYS B 379 27.31 20.16 -4.39
N SER B 380 26.79 19.10 -3.77
CA SER B 380 27.60 18.23 -2.93
C SER B 380 28.52 17.35 -3.78
N ASP B 381 29.66 17.01 -3.21
CA ASP B 381 30.63 16.17 -3.88
C ASP B 381 30.21 14.74 -3.61
N LEU B 382 29.47 14.17 -4.54
CA LEU B 382 28.99 12.81 -4.40
C LEU B 382 30.09 11.75 -4.47
N GLN B 383 31.19 12.05 -5.14
CA GLN B 383 32.29 11.11 -5.25
C GLN B 383 32.92 10.94 -3.85
N LYS B 384 32.97 12.01 -3.07
CA LYS B 384 33.52 11.96 -1.72
C LYS B 384 32.54 11.21 -0.81
N PHE B 385 31.25 11.45 -1.01
CA PHE B 385 30.21 10.79 -0.23
C PHE B 385 30.28 9.29 -0.43
N SER B 386 30.43 8.87 -1.68
CA SER B 386 30.54 7.47 -1.99
C SER B 386 31.68 6.80 -1.21
N ARG B 387 32.85 7.44 -1.18
CA ARG B 387 34.01 6.90 -0.45
C ARG B 387 33.78 6.96 1.06
N PHE B 388 33.17 8.06 1.53
CA PHE B 388 32.88 8.22 2.94
C PHE B 388 31.94 7.08 3.39
N HIS B 389 30.90 6.86 2.60
CA HIS B 389 29.91 5.83 2.90
C HIS B 389 30.54 4.47 2.97
N ARG B 390 31.37 4.13 1.98
CA ARG B 390 31.98 2.81 2.00
C ARG B 390 32.91 2.62 3.18
N GLY B 391 33.68 3.66 3.49
CA GLY B 391 34.60 3.56 4.61
C GLY B 391 33.85 3.35 5.91
N MET B 392 32.81 4.15 6.13
CA MET B 392 31.97 4.03 7.32
C MET B 392 31.41 2.61 7.41
N LEU B 393 30.97 2.10 6.28
CA LEU B 393 30.43 0.75 6.23
C LEU B 393 31.44 -0.25 6.77
N GLU B 394 32.69 -0.14 6.32
CA GLU B 394 33.74 -1.05 6.75
C GLU B 394 34.11 -0.92 8.22
N GLN B 395 33.86 0.26 8.76
CA GLN B 395 34.15 0.57 10.15
C GLN B 395 32.98 0.13 11.06
N GLY B 396 31.96 -0.50 10.47
CA GLY B 396 30.82 -0.96 11.23
C GLY B 396 29.65 0.00 11.44
N ILE B 397 29.56 1.05 10.62
CA ILE B 397 28.48 2.03 10.74
C ILE B 397 27.65 2.02 9.47
N TYR B 398 26.34 1.79 9.59
CA TYR B 398 25.42 1.74 8.43
C TYR B 398 24.73 3.09 8.25
N LEU B 399 25.02 3.73 7.11
CA LEU B 399 24.45 5.03 6.78
C LEU B 399 23.61 4.88 5.52
N ALA B 400 22.62 5.74 5.34
CA ALA B 400 21.78 5.69 4.15
C ALA B 400 22.70 5.77 2.93
N PRO B 401 22.54 4.83 1.99
CA PRO B 401 23.39 4.83 0.79
C PRO B 401 23.06 5.92 -0.22
N SER B 402 22.93 7.15 0.25
CA SER B 402 22.63 8.26 -0.61
C SER B 402 22.75 9.60 0.10
N GLN B 403 23.39 10.54 -0.58
CA GLN B 403 23.60 11.89 -0.07
C GLN B 403 22.27 12.62 0.07
N PHE B 404 21.26 12.17 -0.67
CA PHE B 404 19.96 12.82 -0.62
C PHE B 404 18.89 12.18 0.24
N GLU B 405 19.33 11.52 1.30
CA GLU B 405 18.43 10.89 2.25
C GLU B 405 18.80 11.46 3.60
N ALA B 406 17.81 11.57 4.50
CA ALA B 406 18.06 12.08 5.84
C ALA B 406 18.57 10.92 6.69
N GLY B 407 19.19 11.24 7.81
CA GLY B 407 19.67 10.20 8.71
C GLY B 407 18.67 10.09 9.84
N PHE B 408 18.68 8.96 10.56
CA PHE B 408 17.75 8.76 11.65
C PHE B 408 18.36 8.18 12.92
N THR B 409 17.78 8.59 14.03
CA THR B 409 18.22 8.15 15.34
C THR B 409 17.03 7.47 16.06
N SER B 410 17.31 6.61 17.04
CA SER B 410 16.22 5.94 17.76
C SER B 410 16.47 5.97 19.25
N LEU B 411 15.46 5.65 20.05
CA LEU B 411 15.59 5.61 21.51
C LEU B 411 16.51 4.47 22.00
N ALA B 412 16.91 3.56 21.11
CA ALA B 412 17.82 2.48 21.51
C ALA B 412 19.29 2.85 21.27
N HIS B 413 19.55 3.97 20.62
CA HIS B 413 20.94 4.39 20.37
C HIS B 413 21.45 4.91 21.71
N THR B 414 22.65 4.49 22.13
CA THR B 414 23.20 4.97 23.40
C THR B 414 24.33 6.00 23.20
N GLU B 415 24.63 6.74 24.26
CA GLU B 415 25.69 7.74 24.23
C GLU B 415 26.95 7.08 23.71
N GLU B 416 27.18 5.85 24.13
CA GLU B 416 28.36 5.13 23.69
C GLU B 416 28.29 4.82 22.21
N ASP B 417 27.09 4.53 21.71
CA ASP B 417 26.93 4.23 20.28
C ASP B 417 27.30 5.45 19.47
N ILE B 418 26.89 6.63 19.95
CA ILE B 418 27.21 7.89 19.28
C ILE B 418 28.73 8.16 19.32
N ASP B 419 29.38 7.78 20.42
CA ASP B 419 30.83 7.97 20.55
C ASP B 419 31.64 7.10 19.60
N ALA B 420 31.19 5.89 19.36
CA ALA B 420 31.90 5.01 18.44
C ALA B 420 31.74 5.44 16.97
N THR B 421 30.58 6.05 16.65
CA THR B 421 30.29 6.51 15.29
C THR B 421 31.22 7.67 14.96
N LEU B 422 31.35 8.61 15.89
CA LEU B 422 32.24 9.76 15.72
C LEU B 422 33.69 9.28 15.60
N ALA B 423 34.03 8.18 16.28
CA ALA B 423 35.38 7.61 16.21
C ALA B 423 35.65 7.04 14.82
N ALA B 424 34.63 6.40 14.24
CA ALA B 424 34.74 5.83 12.90
C ALA B 424 34.86 6.97 11.88
N ALA B 425 34.00 7.99 12.03
CA ALA B 425 34.00 9.17 11.16
C ALA B 425 35.37 9.85 11.12
N ARG B 426 36.11 9.77 12.22
CA ARG B 426 37.44 10.35 12.32
C ARG B 426 38.43 9.49 11.49
N THR B 427 38.48 8.20 11.78
CA THR B 427 39.37 7.31 11.07
C THR B 427 39.14 7.36 9.57
N VAL B 428 37.89 7.55 9.17
CA VAL B 428 37.51 7.59 7.77
C VAL B 428 37.83 8.90 7.07
N MET B 429 37.33 10.02 7.60
CA MET B 429 37.58 11.33 6.99
C MET B 429 39.05 11.71 6.90
N SER B 430 39.91 10.89 7.50
CA SER B 430 41.36 11.08 7.46
C SER B 430 41.85 10.20 6.29
N ALA B 431 41.18 10.37 5.16
CA ALA B 431 41.45 9.69 3.91
C ALA B 431 40.68 10.60 2.98
N LEU B 432 40.05 10.06 1.93
CA LEU B 432 39.26 10.88 1.00
C LEU B 432 40.12 11.91 0.25
N1 PLP C . -7.68 -5.82 -7.98
C2 PLP C . -8.66 -6.72 -7.72
C2A PLP C . -9.29 -7.43 -8.86
C3 PLP C . -9.22 -6.80 -6.46
O3 PLP C . -10.06 -7.86 -6.12
C4 PLP C . -8.84 -5.92 -5.49
C4A PLP C . -9.33 -6.20 -4.04
C5 PLP C . -7.89 -4.90 -5.84
C6 PLP C . -7.30 -4.91 -7.06
C5A PLP C . -7.40 -3.82 -4.88
O4P PLP C . -6.33 -4.37 -4.03
P PLP C . -6.08 -3.93 -2.47
O1P PLP C . -5.10 -4.90 -1.88
O2P PLP C . -5.36 -2.43 -2.34
O3P PLP C . -7.45 -3.66 -1.97
N1 PLP D . 5.96 10.77 1.72
C2 PLP D . 7.13 10.96 2.34
C2A PLP D . 7.42 12.34 2.84
C3 PLP D . 8.03 9.91 2.54
O3 PLP D . 9.14 10.05 3.34
C4 PLP D . 7.71 8.66 2.07
C4A PLP D . 8.66 7.55 2.41
C5 PLP D . 6.53 8.45 1.35
C6 PLP D . 5.69 9.52 1.19
C5A PLP D . 6.10 7.08 0.77
O4P PLP D . 5.53 6.13 1.71
P PLP D . 5.92 4.59 1.53
O1P PLP D . 5.57 3.91 2.78
O2P PLP D . 4.74 4.42 0.50
O3P PLP D . 7.22 4.38 0.88
#